data_4L39
#
_entry.id   4L39
#
_cell.length_a   62.360
_cell.length_b   114.088
_cell.length_c   157.976
_cell.angle_alpha   90.00
_cell.angle_beta   90.00
_cell.angle_gamma   90.00
#
_symmetry.space_group_name_H-M   'P 21 21 21'
#
loop_
_entity.id
_entity.type
_entity.pdbx_description
1 polymer '4-substituted benzoates-glutamate ligase GH3.12'
2 non-polymer 'MAGNESIUM ION'
3 non-polymer '2-HYDROXYBENZOIC ACID'
4 non-polymer 'DIPHOSPHOMETHYLPHOSPHONIC ACID ADENOSYL ESTER'
5 water water
#
_entity_poly.entity_id   1
_entity_poly.type   'polypeptide(L)'
_entity_poly.pdbx_seq_one_letter_code
;GSHMASMKPIFDINETFEKQLKDLTSNVKSIQDNLLEEIITPNTKTEYLQRFLIDRFDKELFKKNVPIVSYEDIKPYLDR
VVNGESSDVISARTITGFLLSSGTSGGAQKMMPWNNKYLDNLTFIYDLRMQVITKHVKGVEEGKGMMFLFTKQESMTPSG
LPARVATSSYFKSDYFKNRPSNWYYSYTSPDEVILCPNNTESLYCHLLCGLVQRDEVVRTGSIFASVMVRAIEVLKNSWE
ELCSNIRSGHLSNWVTDLGCQNSVSLVLGGPRPELADTIEEICNQNSWKGIVKRLWPNTKYIETVVTGSMGQYVPMLNYY
CNDLPLVSTTYGSSETTFGINLDPLCKPEDVSYTFMPNMSYFEFIPMDGGDKNDVVDLEDVKLGCTYEPVVTNFAGLYRM
RVGDIVLVTGFYNNAPQFKFVRRENVVLSIDSDKTNEEDLFKAVSQAKLVLESSGLDLKDFTSYADTSTFPGHYVVYLEV
DTKEGEEKETAQFELDEEALSTCCLVMEESLDNVYKRCRFKDGSIGPLEIRVVRQGTFDSLMDFFISQGASTGQYKTPRC
IKSGKALQVLETCVVAKFFSI
;
_entity_poly.pdbx_strand_id   A,B
#
# COMPACT_ATOMS: atom_id res chain seq x y z
N GLU A 15 -7.08 -13.65 -18.08
CA GLU A 15 -7.60 -12.62 -19.03
C GLU A 15 -8.98 -12.09 -18.61
N THR A 16 -9.96 -12.99 -18.59
CA THR A 16 -11.27 -12.67 -18.08
C THR A 16 -11.07 -12.11 -16.65
N PHE A 17 -10.09 -12.63 -15.90
CA PHE A 17 -9.98 -12.23 -14.49
C PHE A 17 -9.70 -10.74 -14.29
N GLU A 18 -8.64 -10.29 -14.93
CA GLU A 18 -8.25 -8.91 -14.89
C GLU A 18 -9.40 -8.00 -15.29
N LYS A 19 -10.11 -8.39 -16.33
CA LYS A 19 -11.30 -7.65 -16.76
C LYS A 19 -12.44 -7.68 -15.74
N GLN A 20 -12.72 -8.85 -15.16
CA GLN A 20 -13.83 -8.97 -14.22
C GLN A 20 -13.60 -8.07 -12.99
N LEU A 21 -12.37 -8.14 -12.48
CA LEU A 21 -11.97 -7.36 -11.36
C LEU A 21 -11.89 -5.90 -11.73
N LYS A 22 -11.51 -5.56 -12.95
CA LYS A 22 -11.53 -4.17 -13.39
C LYS A 22 -12.94 -3.61 -13.40
N ASP A 23 -13.90 -4.39 -13.93
CA ASP A 23 -15.28 -3.92 -13.98
C ASP A 23 -15.78 -3.78 -12.61
N LEU A 24 -15.36 -4.69 -11.75
CA LEU A 24 -15.92 -4.71 -10.44
C LEU A 24 -15.40 -3.61 -9.47
N THR A 25 -14.29 -2.97 -9.81
CA THR A 25 -13.68 -2.02 -8.92
C THR A 25 -13.79 -0.61 -9.45
N SER A 26 -14.62 -0.43 -10.48
CA SER A 26 -14.57 0.76 -11.27
C SER A 26 -15.72 1.70 -11.12
N ASN A 27 -16.92 1.21 -11.38
N ASN A 27 -16.95 1.33 -11.46
CA ASN A 27 -18.12 1.98 -11.14
CA ASN A 27 -18.04 2.21 -11.05
C ASN A 27 -18.70 1.65 -9.76
C ASN A 27 -18.62 1.62 -9.79
N VAL A 28 -17.93 1.97 -8.71
CA VAL A 28 -18.23 1.47 -7.37
C VAL A 28 -19.44 2.18 -6.82
N LYS A 29 -19.50 3.49 -7.04
CA LYS A 29 -20.59 4.32 -6.57
C LYS A 29 -21.87 3.76 -7.11
N SER A 30 -21.86 3.52 -8.42
CA SER A 30 -23.03 2.96 -9.12
CA SER A 30 -23.00 2.95 -9.12
C SER A 30 -23.53 1.66 -8.49
N ILE A 31 -22.76 0.59 -8.59
CA ILE A 31 -23.26 -0.67 -8.06
C ILE A 31 -23.67 -0.68 -6.59
N GLN A 32 -23.02 0.15 -5.77
CA GLN A 32 -23.41 0.35 -4.39
C GLN A 32 -24.79 1.05 -4.24
N ASP A 33 -25.12 1.98 -5.13
CA ASP A 33 -26.45 2.58 -5.13
C ASP A 33 -27.47 1.56 -5.65
N ASN A 34 -27.13 0.93 -6.77
CA ASN A 34 -27.99 -0.08 -7.35
C ASN A 34 -28.23 -1.17 -6.33
N LEU A 35 -27.22 -1.48 -5.54
CA LEU A 35 -27.32 -2.56 -4.59
C LEU A 35 -28.19 -2.06 -3.47
N LEU A 36 -28.02 -0.80 -3.09
CA LEU A 36 -28.88 -0.26 -2.02
C LEU A 36 -30.35 -0.36 -2.49
N GLU A 37 -30.57 0.03 -3.75
CA GLU A 37 -31.88 -0.08 -4.42
C GLU A 37 -32.47 -1.50 -4.35
N GLU A 38 -31.70 -2.51 -4.73
CA GLU A 38 -32.14 -3.90 -4.60
C GLU A 38 -32.53 -4.29 -3.16
N ILE A 39 -31.92 -3.65 -2.17
CA ILE A 39 -32.14 -4.12 -0.84
C ILE A 39 -33.42 -3.48 -0.39
N ILE A 40 -33.49 -2.15 -0.45
CA ILE A 40 -34.56 -1.38 0.19
C ILE A 40 -35.94 -1.65 -0.41
N THR A 41 -36.00 -1.71 -1.75
CA THR A 41 -37.27 -1.69 -2.44
C THR A 41 -38.23 -2.77 -1.99
N PRO A 42 -37.78 -4.03 -2.05
CA PRO A 42 -38.69 -5.06 -1.55
C PRO A 42 -38.98 -4.83 -0.11
N ASN A 43 -38.11 -4.13 0.59
CA ASN A 43 -38.20 -4.14 2.03
C ASN A 43 -38.98 -3.00 2.66
N THR A 44 -39.68 -2.24 1.84
CA THR A 44 -40.68 -1.31 2.37
C THR A 44 -41.81 -2.11 3.04
N LYS A 45 -41.85 -3.39 2.74
CA LYS A 45 -42.83 -4.30 3.27
C LYS A 45 -42.51 -4.72 4.71
N THR A 46 -41.39 -4.26 5.28
CA THR A 46 -40.98 -4.85 6.57
C THR A 46 -41.45 -3.99 7.70
N GLU A 47 -41.66 -4.61 8.84
CA GLU A 47 -42.01 -3.86 10.01
C GLU A 47 -40.91 -2.86 10.33
N TYR A 48 -39.66 -3.28 10.20
CA TYR A 48 -38.49 -2.50 10.68
C TYR A 48 -38.29 -1.23 9.84
N LEU A 49 -38.38 -1.32 8.53
CA LEU A 49 -38.30 -0.12 7.72
C LEU A 49 -39.57 0.73 7.79
N GLN A 50 -40.71 0.13 8.05
CA GLN A 50 -41.91 0.92 8.13
C GLN A 50 -41.89 1.84 9.35
N ARG A 51 -41.18 1.43 10.39
CA ARG A 51 -41.03 2.21 11.59
C ARG A 51 -40.22 3.46 11.36
N PHE A 52 -39.32 3.43 10.39
CA PHE A 52 -38.53 4.60 10.10
C PHE A 52 -38.98 5.38 8.85
N LEU A 53 -40.20 5.12 8.43
CA LEU A 53 -40.86 5.90 7.38
C LEU A 53 -40.26 5.80 6.03
N ILE A 54 -39.65 4.65 5.72
CA ILE A 54 -39.06 4.37 4.40
C ILE A 54 -40.08 3.70 3.52
N ASP A 55 -40.81 4.49 2.71
CA ASP A 55 -42.01 4.02 2.00
C ASP A 55 -41.75 3.99 0.51
N ARG A 56 -40.56 4.40 0.14
CA ARG A 56 -40.10 4.32 -1.22
C ARG A 56 -38.59 4.11 -1.17
N PHE A 57 -37.95 3.94 -2.32
CA PHE A 57 -36.49 3.96 -2.37
C PHE A 57 -35.96 5.39 -2.48
N ASP A 58 -35.30 5.83 -1.43
CA ASP A 58 -34.62 7.10 -1.47
C ASP A 58 -33.41 7.08 -0.57
N LYS A 59 -32.27 7.35 -1.17
CA LYS A 59 -31.03 7.22 -0.46
C LYS A 59 -30.97 8.22 0.68
N GLU A 60 -31.29 9.48 0.41
CA GLU A 60 -31.07 10.49 1.39
C GLU A 60 -32.05 10.24 2.51
N LEU A 61 -33.23 9.75 2.14
CA LEU A 61 -34.30 9.52 3.10
C LEU A 61 -33.85 8.44 4.04
N PHE A 62 -33.16 7.47 3.43
CA PHE A 62 -32.67 6.31 4.11
C PHE A 62 -31.63 6.73 5.15
N LYS A 63 -30.69 7.54 4.68
CA LYS A 63 -29.60 8.09 5.50
C LYS A 63 -30.12 8.98 6.59
N LYS A 64 -31.19 9.72 6.26
CA LYS A 64 -31.89 10.58 7.21
C LYS A 64 -32.53 9.80 8.34
N ASN A 65 -33.34 8.78 8.02
CA ASN A 65 -34.30 8.18 9.00
C ASN A 65 -33.83 6.91 9.64
N VAL A 66 -33.09 6.10 8.89
CA VAL A 66 -32.67 4.81 9.41
C VAL A 66 -31.48 4.96 10.38
N PRO A 67 -31.72 4.65 11.65
CA PRO A 67 -30.64 4.82 12.60
C PRO A 67 -29.48 3.90 12.28
N ILE A 68 -28.29 4.31 12.72
CA ILE A 68 -27.11 3.46 12.72
C ILE A 68 -27.13 2.74 14.03
N VAL A 69 -27.00 1.41 14.01
CA VAL A 69 -27.30 0.58 15.16
C VAL A 69 -26.16 -0.33 15.57
N SER A 70 -26.37 -0.96 16.72
CA SER A 70 -25.53 -2.08 17.17
C SER A 70 -26.44 -3.31 17.32
N TYR A 71 -25.86 -4.49 17.52
CA TYR A 71 -26.66 -5.71 17.75
C TYR A 71 -27.76 -5.58 18.87
N GLU A 72 -27.42 -4.95 19.97
CA GLU A 72 -28.34 -4.83 21.09
C GLU A 72 -29.57 -4.07 20.67
N ASP A 73 -29.35 -3.04 19.84
CA ASP A 73 -30.42 -2.13 19.41
C ASP A 73 -31.49 -2.90 18.62
N ILE A 74 -31.07 -3.78 17.72
CA ILE A 74 -32.00 -4.51 16.86
C ILE A 74 -32.36 -5.92 17.37
N LYS A 75 -31.60 -6.43 18.33
CA LYS A 75 -31.86 -7.76 18.83
C LYS A 75 -33.33 -8.02 19.14
N PRO A 76 -34.07 -7.00 19.59
CA PRO A 76 -35.49 -7.29 19.86
C PRO A 76 -36.23 -7.73 18.59
N TYR A 77 -35.85 -7.15 17.47
CA TYR A 77 -36.38 -7.63 16.19
C TYR A 77 -35.88 -9.03 15.85
N LEU A 78 -34.57 -9.23 15.93
CA LEU A 78 -33.96 -10.51 15.56
C LEU A 78 -34.47 -11.64 16.42
N ASP A 79 -34.76 -11.40 17.70
CA ASP A 79 -35.31 -12.46 18.53
C ASP A 79 -36.73 -12.87 18.11
N ARG A 80 -37.53 -11.92 17.61
CA ARG A 80 -38.88 -12.22 17.20
C ARG A 80 -38.86 -13.19 16.02
N VAL A 81 -37.80 -13.10 15.20
CA VAL A 81 -37.68 -13.96 14.03
C VAL A 81 -37.11 -15.28 14.45
N VAL A 82 -36.15 -15.23 15.37
CA VAL A 82 -35.63 -16.43 15.99
C VAL A 82 -36.72 -17.34 16.60
N ASN A 83 -37.78 -16.74 17.13
CA ASN A 83 -38.76 -17.47 17.93
C ASN A 83 -40.01 -17.81 17.10
N GLY A 84 -40.04 -17.30 15.86
CA GLY A 84 -41.00 -17.78 14.88
C GLY A 84 -41.89 -16.77 14.17
N GLU A 85 -41.70 -15.48 14.40
CA GLU A 85 -42.45 -14.48 13.67
C GLU A 85 -42.01 -14.44 12.22
N SER A 86 -42.76 -13.77 11.35
CA SER A 86 -42.37 -13.67 9.95
C SER A 86 -41.10 -12.87 9.65
N SER A 87 -40.35 -13.32 8.66
CA SER A 87 -39.06 -12.69 8.31
C SER A 87 -39.39 -11.24 8.00
N ASP A 88 -40.63 -11.03 7.53
CA ASP A 88 -41.08 -9.71 7.07
C ASP A 88 -40.99 -8.65 8.15
N VAL A 89 -40.87 -9.05 9.41
CA VAL A 89 -40.64 -8.03 10.44
C VAL A 89 -39.32 -7.30 10.12
N ILE A 90 -38.38 -7.98 9.47
CA ILE A 90 -37.12 -7.37 9.12
C ILE A 90 -36.72 -7.55 7.70
N SER A 91 -37.08 -8.67 7.09
CA SER A 91 -36.76 -8.98 5.68
C SER A 91 -37.91 -9.53 4.79
N ALA A 92 -37.99 -9.01 3.57
CA ALA A 92 -38.94 -9.51 2.57
C ALA A 92 -38.38 -10.71 1.81
N ARG A 93 -37.08 -10.92 1.93
CA ARG A 93 -36.43 -12.13 1.49
C ARG A 93 -36.41 -13.03 2.70
N THR A 94 -36.92 -14.24 2.52
CA THR A 94 -37.13 -15.15 3.63
C THR A 94 -35.82 -15.45 4.31
N ILE A 95 -35.81 -15.26 5.61
CA ILE A 95 -34.74 -15.74 6.46
C ILE A 95 -34.81 -17.24 6.67
N THR A 96 -33.94 -17.95 5.98
CA THR A 96 -33.98 -19.40 5.95
C THR A 96 -33.07 -20.12 6.97
N GLY A 97 -32.53 -19.36 7.92
CA GLY A 97 -31.52 -19.86 8.83
C GLY A 97 -30.89 -18.70 9.56
N PHE A 98 -29.98 -19.01 10.48
CA PHE A 98 -29.23 -17.99 11.24
C PHE A 98 -27.75 -18.32 11.26
N LEU A 99 -26.93 -17.30 11.50
CA LEU A 99 -25.47 -17.43 11.69
C LEU A 99 -25.07 -17.17 13.12
N LEU A 100 -24.25 -18.06 13.67
CA LEU A 100 -23.72 -17.85 15.00
C LEU A 100 -22.38 -17.15 14.92
N SER A 101 -22.20 -16.17 15.80
CA SER A 101 -20.89 -15.55 16.02
C SER A 101 -19.95 -16.51 16.75
N ALA A 108 -23.76 -13.45 25.81
CA ALA A 108 -24.05 -14.76 25.23
C ALA A 108 -23.55 -14.83 23.78
N GLN A 109 -24.13 -15.74 23.01
CA GLN A 109 -23.84 -15.87 21.59
C GLN A 109 -25.01 -15.36 20.77
N LYS A 110 -24.67 -14.61 19.73
CA LYS A 110 -25.61 -13.80 18.98
C LYS A 110 -25.91 -14.41 17.66
N MET A 111 -27.10 -14.17 17.19
CA MET A 111 -27.61 -14.79 15.99
C MET A 111 -28.04 -13.73 14.97
N MET A 112 -27.33 -13.74 13.84
CA MET A 112 -27.60 -12.89 12.71
C MET A 112 -28.50 -13.65 11.75
N PRO A 113 -29.45 -12.96 11.14
CA PRO A 113 -30.34 -13.60 10.17
C PRO A 113 -29.57 -13.93 8.90
N TRP A 114 -30.09 -14.84 8.10
CA TRP A 114 -29.31 -15.44 7.03
C TRP A 114 -30.21 -16.07 5.95
N ASN A 115 -29.80 -15.93 4.70
CA ASN A 115 -30.44 -16.64 3.62
C ASN A 115 -29.35 -17.00 2.57
N ASN A 116 -29.77 -17.42 1.38
CA ASN A 116 -28.82 -17.98 0.43
C ASN A 116 -28.00 -16.91 -0.30
N LYS A 117 -28.39 -15.66 -0.09
CA LYS A 117 -27.65 -14.56 -0.65
C LYS A 117 -26.25 -14.46 0.03
N TYR A 118 -26.12 -14.93 1.26
CA TYR A 118 -24.83 -15.05 1.89
C TYR A 118 -23.96 -16.04 1.13
N LEU A 119 -24.55 -17.13 0.64
CA LEU A 119 -23.79 -18.17 -0.02
C LEU A 119 -23.52 -17.77 -1.43
N ASP A 120 -24.43 -17.01 -2.05
CA ASP A 120 -24.14 -16.45 -3.38
C ASP A 120 -22.85 -15.60 -3.30
N ASN A 121 -22.80 -14.82 -2.24
CA ASN A 121 -21.75 -13.86 -2.07
C ASN A 121 -20.48 -14.56 -1.68
N LEU A 122 -20.60 -15.56 -0.82
CA LEU A 122 -19.43 -16.26 -0.35
C LEU A 122 -18.78 -16.97 -1.49
N THR A 123 -19.57 -17.68 -2.28
CA THR A 123 -19.01 -18.40 -3.41
C THR A 123 -18.42 -17.50 -4.49
N PHE A 124 -19.02 -16.32 -4.69
CA PHE A 124 -18.42 -15.28 -5.54
C PHE A 124 -16.98 -14.94 -5.09
N ILE A 125 -16.81 -14.68 -3.81
CA ILE A 125 -15.51 -14.47 -3.22
C ILE A 125 -14.58 -15.71 -3.33
N TYR A 126 -15.12 -16.92 -3.08
CA TYR A 126 -14.32 -18.13 -3.24
C TYR A 126 -13.84 -18.13 -4.65
N ASP A 127 -14.73 -17.88 -5.61
CA ASP A 127 -14.26 -17.88 -6.99
C ASP A 127 -13.30 -16.78 -7.32
N LEU A 128 -13.35 -15.69 -6.58
CA LEU A 128 -12.51 -14.57 -6.93
C LEU A 128 -11.15 -14.79 -6.35
N ARG A 129 -11.12 -15.40 -5.17
CA ARG A 129 -9.84 -15.58 -4.51
C ARG A 129 -9.06 -16.72 -5.19
N MET A 130 -9.75 -17.72 -5.75
CA MET A 130 -9.03 -18.79 -6.44
C MET A 130 -8.32 -18.21 -7.66
N GLN A 131 -8.92 -17.22 -8.26
CA GLN A 131 -8.35 -16.66 -9.44
C GLN A 131 -7.12 -15.90 -9.07
N VAL A 132 -7.21 -15.15 -7.98
CA VAL A 132 -6.05 -14.40 -7.44
C VAL A 132 -4.92 -15.38 -7.08
N ILE A 133 -5.24 -16.47 -6.39
CA ILE A 133 -4.22 -17.43 -5.99
C ILE A 133 -3.43 -18.04 -7.16
N THR A 134 -4.11 -18.56 -8.16
CA THR A 134 -3.38 -19.20 -9.23
CA THR A 134 -3.42 -19.19 -9.28
C THR A 134 -2.58 -18.18 -10.03
N LYS A 135 -3.08 -16.96 -10.09
CA LYS A 135 -2.39 -15.87 -10.76
C LYS A 135 -1.04 -15.59 -10.09
N HIS A 136 -0.95 -15.80 -8.75
CA HIS A 136 0.31 -15.59 -8.01
C HIS A 136 1.14 -16.84 -7.64
N VAL A 137 0.57 -18.03 -7.74
CA VAL A 137 1.25 -19.21 -7.19
C VAL A 137 1.50 -20.30 -8.22
N LYS A 138 2.76 -20.49 -8.55
CA LYS A 138 3.13 -21.43 -9.58
C LYS A 138 2.83 -22.82 -9.11
N GLY A 139 2.20 -23.57 -10.01
CA GLY A 139 2.01 -24.99 -9.86
C GLY A 139 0.99 -25.48 -8.87
N VAL A 140 -0.05 -24.70 -8.59
CA VAL A 140 -1.03 -25.09 -7.59
C VAL A 140 -2.09 -25.89 -8.27
N GLU A 141 -2.24 -25.70 -9.57
CA GLU A 141 -3.29 -26.39 -10.29
C GLU A 141 -2.97 -27.85 -10.47
N GLU A 142 -1.80 -28.28 -10.01
CA GLU A 142 -1.40 -29.63 -10.26
C GLU A 142 -1.45 -30.50 -9.02
N GLY A 143 -2.38 -30.20 -8.12
CA GLY A 143 -2.53 -31.00 -6.92
C GLY A 143 -3.76 -30.75 -6.06
N LYS A 144 -3.72 -31.20 -4.81
CA LYS A 144 -4.86 -31.00 -3.89
C LYS A 144 -4.52 -30.18 -2.66
N GLY A 145 -5.54 -29.54 -2.12
CA GLY A 145 -5.41 -28.89 -0.85
C GLY A 145 -5.67 -29.85 0.29
N MET A 146 -4.78 -29.83 1.29
CA MET A 146 -5.09 -30.44 2.58
C MET A 146 -5.66 -29.33 3.42
N MET A 147 -7.00 -29.18 3.34
CA MET A 147 -7.65 -28.11 4.07
C MET A 147 -8.28 -28.69 5.35
N PHE A 148 -8.04 -28.03 6.48
CA PHE A 148 -8.62 -28.43 7.75
C PHE A 148 -9.87 -27.60 7.85
N LEU A 149 -10.86 -28.06 7.11
CA LEU A 149 -12.19 -27.51 7.10
C LEU A 149 -13.09 -28.31 8.03
N PHE A 150 -13.85 -27.59 8.85
CA PHE A 150 -14.64 -28.19 9.90
C PHE A 150 -16.12 -27.80 9.87
N THR A 151 -16.98 -28.80 10.00
CA THR A 151 -18.39 -28.58 10.18
C THR A 151 -18.73 -28.67 11.66
N LYS A 152 -19.35 -27.62 12.17
CA LYS A 152 -19.80 -27.59 13.54
C LYS A 152 -21.30 -27.78 13.54
N GLN A 153 -21.85 -28.33 14.60
CA GLN A 153 -23.26 -28.69 14.55
C GLN A 153 -24.24 -27.54 14.83
N GLU A 154 -25.44 -27.64 14.29
CA GLU A 154 -26.37 -26.53 14.38
C GLU A 154 -27.11 -26.56 15.69
N SER A 155 -27.24 -25.39 16.33
CA SER A 155 -28.28 -25.22 17.34
C SER A 155 -29.57 -25.07 16.57
N MET A 156 -30.67 -25.46 17.19
CA MET A 156 -31.98 -25.28 16.60
C MET A 156 -32.63 -24.09 17.29
N THR A 157 -33.54 -23.43 16.56
CA THR A 157 -34.27 -22.31 17.10
C THR A 157 -35.75 -22.70 17.17
N PRO A 158 -36.51 -22.08 18.07
CA PRO A 158 -37.97 -22.31 18.15
C PRO A 158 -38.69 -22.08 16.81
N SER A 159 -38.24 -21.14 16.01
CA SER A 159 -38.82 -20.96 14.70
C SER A 159 -38.67 -22.27 13.88
N GLY A 160 -37.63 -23.05 14.17
CA GLY A 160 -37.44 -24.33 13.51
C GLY A 160 -36.34 -24.28 12.51
N LEU A 161 -35.75 -23.09 12.45
CA LEU A 161 -34.65 -22.78 11.55
C LEU A 161 -33.35 -23.08 12.25
N PRO A 162 -32.36 -23.63 11.51
CA PRO A 162 -31.05 -23.91 12.11
C PRO A 162 -30.24 -22.66 12.34
N ALA A 163 -29.40 -22.71 13.36
CA ALA A 163 -28.39 -21.70 13.55
C ALA A 163 -27.02 -22.41 13.37
N ARG A 164 -26.17 -21.86 12.50
CA ARG A 164 -24.88 -22.45 12.14
C ARG A 164 -23.81 -21.39 12.15
N VAL A 165 -22.54 -21.80 12.27
CA VAL A 165 -21.44 -20.85 12.05
C VAL A 165 -21.32 -20.57 10.54
N ALA A 166 -20.63 -19.49 10.16
CA ALA A 166 -20.52 -19.07 8.73
C ALA A 166 -20.13 -20.19 7.74
N THR A 167 -19.02 -20.89 8.00
CA THR A 167 -18.56 -21.90 7.07
C THR A 167 -19.49 -23.07 7.11
N SER A 168 -20.14 -23.28 8.24
CA SER A 168 -20.96 -24.48 8.35
C SER A 168 -22.23 -24.41 7.54
N SER A 169 -22.79 -23.20 7.39
CA SER A 169 -23.93 -22.97 6.52
C SER A 169 -23.54 -23.17 5.05
N TYR A 170 -22.25 -23.05 4.74
CA TYR A 170 -21.77 -23.35 3.40
C TYR A 170 -21.66 -24.88 3.17
N PHE A 171 -20.93 -25.60 4.03
CA PHE A 171 -20.77 -27.11 3.97
C PHE A 171 -22.10 -27.91 3.95
N LYS A 172 -23.06 -27.47 4.75
CA LYS A 172 -24.31 -28.17 4.86
C LYS A 172 -25.21 -27.55 3.84
N SER A 173 -24.75 -27.43 2.60
CA SER A 173 -25.51 -26.78 1.55
C SER A 173 -24.96 -27.28 0.24
N ASP A 174 -25.77 -27.20 -0.80
CA ASP A 174 -25.35 -27.65 -2.09
C ASP A 174 -24.36 -26.71 -2.72
N TYR A 175 -24.10 -25.56 -2.12
CA TYR A 175 -23.07 -24.75 -2.68
C TYR A 175 -21.75 -25.45 -2.52
N PHE A 176 -21.65 -26.26 -1.49
CA PHE A 176 -20.49 -27.09 -1.27
C PHE A 176 -20.64 -28.42 -2.02
N LYS A 177 -21.78 -29.06 -1.83
CA LYS A 177 -21.91 -30.42 -2.30
C LYS A 177 -21.80 -30.50 -3.83
N ASN A 178 -22.25 -29.42 -4.48
CA ASN A 178 -22.26 -29.29 -5.93
C ASN A 178 -21.26 -28.19 -6.35
N ARG A 179 -20.23 -27.95 -5.52
CA ARG A 179 -19.18 -26.96 -5.83
C ARG A 179 -18.44 -27.35 -7.10
N PRO A 180 -17.74 -26.39 -7.73
CA PRO A 180 -16.94 -26.67 -8.95
C PRO A 180 -15.94 -27.82 -8.79
N SER A 181 -15.69 -28.50 -9.90
CA SER A 181 -14.73 -29.58 -9.96
C SER A 181 -13.38 -29.11 -10.58
N ASN A 182 -12.48 -28.69 -9.73
CA ASN A 182 -11.17 -28.25 -10.16
C ASN A 182 -10.26 -28.04 -8.95
N TRP A 183 -8.97 -27.92 -9.23
CA TRP A 183 -7.91 -27.88 -8.21
C TRP A 183 -8.28 -27.19 -6.92
N TYR A 184 -8.76 -25.94 -6.99
CA TYR A 184 -9.08 -25.17 -5.78
C TYR A 184 -10.20 -25.74 -4.88
N TYR A 185 -10.95 -26.71 -5.38
CA TYR A 185 -12.03 -27.30 -4.66
C TYR A 185 -11.81 -28.79 -4.47
N SER A 186 -10.59 -29.24 -4.75
CA SER A 186 -10.22 -30.64 -4.54
CA SER A 186 -10.18 -30.64 -4.54
C SER A 186 -9.37 -30.78 -3.27
N TYR A 187 -9.89 -31.54 -2.33
CA TYR A 187 -9.18 -31.78 -1.09
C TYR A 187 -8.75 -33.24 -0.91
N THR A 188 -7.74 -33.46 -0.07
CA THR A 188 -7.28 -34.82 0.22
C THR A 188 -8.25 -35.51 1.15
N SER A 189 -9.23 -34.75 1.64
CA SER A 189 -10.23 -35.28 2.58
C SER A 189 -11.59 -35.56 1.92
N PRO A 190 -12.06 -36.81 2.01
CA PRO A 190 -13.44 -37.00 1.51
C PRO A 190 -14.42 -36.05 2.16
N ASP A 191 -15.48 -35.66 1.44
CA ASP A 191 -16.44 -34.70 1.99
C ASP A 191 -17.09 -35.16 3.31
N GLU A 192 -17.13 -36.47 3.56
CA GLU A 192 -17.68 -37.02 4.82
C GLU A 192 -16.81 -36.59 6.03
N VAL A 193 -15.51 -36.45 5.81
CA VAL A 193 -14.61 -36.03 6.85
C VAL A 193 -14.84 -34.55 7.08
N ILE A 194 -14.99 -33.74 6.02
CA ILE A 194 -15.21 -32.31 6.24
C ILE A 194 -16.53 -32.01 6.94
N LEU A 195 -17.57 -32.75 6.58
CA LEU A 195 -18.92 -32.62 7.16
C LEU A 195 -19.18 -33.35 8.48
N CYS A 196 -18.23 -34.13 8.94
CA CYS A 196 -18.34 -34.70 10.29
C CYS A 196 -18.34 -33.60 11.39
N PRO A 197 -19.37 -33.62 12.25
CA PRO A 197 -19.55 -32.68 13.36
C PRO A 197 -18.56 -32.86 14.50
N ASN A 198 -18.03 -34.06 14.71
CA ASN A 198 -16.96 -34.29 15.69
C ASN A 198 -15.56 -33.95 15.19
N ASN A 199 -15.09 -32.75 15.54
CA ASN A 199 -13.86 -32.21 14.95
C ASN A 199 -12.61 -32.86 15.47
N THR A 200 -12.71 -33.54 16.59
CA THR A 200 -11.61 -34.31 17.11
C THR A 200 -11.38 -35.44 16.15
N GLU A 201 -12.43 -36.20 15.88
CA GLU A 201 -12.38 -37.23 14.86
C GLU A 201 -11.87 -36.69 13.50
N SER A 202 -12.54 -35.67 12.96
CA SER A 202 -12.25 -35.22 11.60
C SER A 202 -10.87 -34.56 11.45
N LEU A 203 -10.33 -33.99 12.53
CA LEU A 203 -9.00 -33.42 12.40
C LEU A 203 -7.96 -34.53 12.20
N TYR A 204 -8.12 -35.61 12.98
CA TYR A 204 -7.33 -36.83 12.84
C TYR A 204 -7.42 -37.36 11.41
N CYS A 205 -8.65 -37.52 10.93
CA CYS A 205 -8.87 -38.02 9.59
C CYS A 205 -8.28 -37.09 8.47
N HIS A 206 -8.38 -35.78 8.66
CA HIS A 206 -7.70 -34.86 7.76
C HIS A 206 -6.21 -35.22 7.65
N LEU A 207 -5.59 -35.37 8.81
CA LEU A 207 -4.18 -35.70 8.85
C LEU A 207 -3.83 -37.05 8.26
N LEU A 208 -4.73 -38.03 8.40
CA LEU A 208 -4.47 -39.38 7.90
C LEU A 208 -4.51 -39.39 6.39
N CYS A 209 -5.56 -38.76 5.85
CA CYS A 209 -5.78 -38.69 4.41
C CYS A 209 -4.69 -37.85 3.71
N GLY A 210 -4.36 -36.72 4.35
CA GLY A 210 -3.31 -35.85 3.87
C GLY A 210 -1.99 -36.59 3.85
N LEU A 211 -1.76 -37.45 4.84
CA LEU A 211 -0.51 -38.22 4.86
C LEU A 211 -0.44 -39.27 3.73
N VAL A 212 -1.52 -39.99 3.53
CA VAL A 212 -1.65 -41.02 2.52
C VAL A 212 -1.47 -40.49 1.11
N GLN A 213 -1.99 -39.29 0.85
CA GLN A 213 -1.80 -38.64 -0.45
C GLN A 213 -0.86 -37.43 -0.34
N ARG A 214 0.28 -37.60 0.35
CA ARG A 214 1.14 -36.49 0.69
C ARG A 214 1.86 -35.85 -0.50
N ASP A 215 2.15 -36.62 -1.53
CA ASP A 215 2.82 -36.09 -2.74
C ASP A 215 1.90 -35.08 -3.49
N GLU A 216 0.59 -35.32 -3.46
CA GLU A 216 -0.37 -34.47 -4.15
C GLU A 216 -0.70 -33.17 -3.43
N VAL A 217 -0.22 -33.00 -2.20
CA VAL A 217 -0.52 -31.79 -1.44
C VAL A 217 0.34 -30.66 -1.95
N VAL A 218 -0.30 -29.65 -2.54
CA VAL A 218 0.41 -28.45 -3.00
C VAL A 218 0.06 -27.21 -2.18
N ARG A 219 -0.92 -27.35 -1.27
CA ARG A 219 -1.29 -26.27 -0.37
C ARG A 219 -1.97 -26.83 0.85
N THR A 220 -2.09 -25.99 1.90
CA THR A 220 -2.76 -26.36 3.13
C THR A 220 -3.19 -25.11 3.94
N GLY A 221 -4.07 -25.28 4.92
CA GLY A 221 -4.47 -24.17 5.73
C GLY A 221 -5.83 -24.38 6.35
N SER A 222 -6.36 -23.29 6.89
CA SER A 222 -7.67 -23.30 7.50
C SER A 222 -8.29 -21.89 7.39
N ILE A 223 -9.52 -21.68 7.85
CA ILE A 223 -10.08 -20.31 7.88
C ILE A 223 -9.12 -19.39 8.65
N PHE A 224 -8.80 -19.77 9.88
CA PHE A 224 -7.92 -18.97 10.75
C PHE A 224 -6.64 -19.73 11.15
N ALA A 225 -5.58 -18.98 11.47
CA ALA A 225 -4.29 -19.58 11.79
C ALA A 225 -4.27 -20.48 13.06
N SER A 226 -5.13 -20.20 14.04
CA SER A 226 -5.16 -21.01 15.24
C SER A 226 -5.49 -22.50 14.95
N VAL A 227 -6.31 -22.74 13.94
CA VAL A 227 -6.65 -24.08 13.58
C VAL A 227 -5.46 -24.70 12.86
N MET A 228 -4.70 -23.92 12.10
CA MET A 228 -3.51 -24.49 11.47
C MET A 228 -2.58 -25.02 12.54
N VAL A 229 -2.35 -24.23 13.57
CA VAL A 229 -1.47 -24.59 14.66
C VAL A 229 -2.00 -25.80 15.41
N ARG A 230 -3.29 -25.83 15.67
CA ARG A 230 -3.80 -26.93 16.45
C ARG A 230 -3.62 -28.19 15.64
N ALA A 231 -3.70 -28.07 14.32
CA ALA A 231 -3.52 -29.23 13.45
C ALA A 231 -2.10 -29.74 13.51
N ILE A 232 -1.14 -28.87 13.53
CA ILE A 232 0.21 -29.30 13.61
C ILE A 232 0.46 -29.86 15.01
N GLU A 233 -0.24 -29.35 16.01
CA GLU A 233 -0.02 -29.87 17.36
C GLU A 233 -0.60 -31.26 17.52
N VAL A 234 -1.75 -31.51 16.92
CA VAL A 234 -2.35 -32.84 16.92
C VAL A 234 -1.49 -33.86 16.17
N LEU A 235 -0.79 -33.35 15.15
CA LEU A 235 0.10 -34.16 14.33
C LEU A 235 1.27 -34.59 15.18
N LYS A 236 1.85 -33.65 15.87
CA LYS A 236 2.97 -33.96 16.73
C LYS A 236 2.59 -35.02 17.76
N ASN A 237 1.33 -34.98 18.23
CA ASN A 237 0.88 -35.89 19.30
C ASN A 237 0.20 -37.16 18.81
N SER A 238 0.10 -37.34 17.50
CA SER A 238 -0.66 -38.45 16.97
C SER A 238 0.01 -39.16 15.80
N TRP A 239 1.26 -38.84 15.52
CA TRP A 239 1.86 -39.27 14.26
C TRP A 239 2.15 -40.76 14.28
N GLU A 240 2.54 -41.25 15.45
CA GLU A 240 2.78 -42.69 15.66
C GLU A 240 1.54 -43.51 15.28
N GLU A 241 0.40 -43.05 15.77
CA GLU A 241 -0.90 -43.67 15.54
C GLU A 241 -1.37 -43.49 14.09
N LEU A 242 -1.19 -42.30 13.54
CA LEU A 242 -1.47 -42.08 12.13
C LEU A 242 -0.71 -43.16 11.33
N CYS A 243 0.60 -43.28 11.52
CA CYS A 243 1.37 -44.29 10.78
C CYS A 243 0.92 -45.74 11.02
N SER A 244 0.49 -46.08 12.22
CA SER A 244 -0.04 -47.40 12.41
C SER A 244 -1.31 -47.67 11.57
N ASN A 245 -2.11 -46.64 11.33
CA ASN A 245 -3.29 -46.78 10.48
C ASN A 245 -2.82 -46.95 9.04
N ILE A 246 -1.81 -46.18 8.66
CA ILE A 246 -1.26 -46.28 7.32
C ILE A 246 -0.56 -47.62 7.09
N ARG A 247 -0.04 -48.21 8.16
CA ARG A 247 0.63 -49.49 8.06
C ARG A 247 -0.37 -50.60 7.83
N SER A 248 -1.48 -50.51 8.55
CA SER A 248 -2.43 -51.62 8.60
C SER A 248 -3.52 -51.48 7.53
N GLY A 249 -3.81 -50.23 7.17
CA GLY A 249 -4.86 -49.95 6.22
C GLY A 249 -6.19 -49.81 6.93
N HIS A 250 -6.11 -49.82 8.26
CA HIS A 250 -7.28 -49.77 9.11
C HIS A 250 -7.27 -48.46 9.83
N LEU A 251 -8.39 -47.77 9.83
CA LEU A 251 -8.58 -46.61 10.71
C LEU A 251 -8.67 -47.01 12.19
N SER A 252 -8.17 -46.18 13.09
CA SER A 252 -8.29 -46.43 14.50
C SER A 252 -9.75 -46.51 14.89
N ASN A 253 -10.08 -47.41 15.82
CA ASN A 253 -11.46 -47.76 16.15
C ASN A 253 -12.22 -46.63 16.79
N TRP A 254 -11.53 -45.69 17.43
CA TRP A 254 -12.22 -44.74 18.29
C TRP A 254 -13.02 -43.74 17.49
N VAL A 255 -12.69 -43.64 16.20
CA VAL A 255 -13.39 -42.76 15.30
C VAL A 255 -14.71 -43.45 14.95
N THR A 256 -15.80 -42.84 15.40
CA THR A 256 -17.11 -43.47 15.39
C THR A 256 -17.96 -43.02 14.21
N ASP A 257 -17.68 -41.83 13.67
CA ASP A 257 -18.52 -41.28 12.65
C ASP A 257 -18.50 -42.24 11.44
N LEU A 258 -19.68 -42.72 11.08
CA LEU A 258 -19.78 -43.72 10.04
C LEU A 258 -19.17 -43.22 8.73
N GLY A 259 -19.47 -41.98 8.34
CA GLY A 259 -18.90 -41.38 7.13
C GLY A 259 -17.39 -41.34 7.04
N CYS A 260 -16.74 -40.97 8.15
CA CYS A 260 -15.29 -41.05 8.25
C CYS A 260 -14.79 -42.50 8.13
N GLN A 261 -15.50 -43.45 8.73
CA GLN A 261 -15.11 -44.84 8.67
C GLN A 261 -15.01 -45.32 7.25
N ASN A 262 -16.09 -45.10 6.47
CA ASN A 262 -16.21 -45.68 5.12
C ASN A 262 -15.31 -44.97 4.16
N SER A 263 -15.33 -43.64 4.22
CA SER A 263 -14.61 -42.81 3.27
C SER A 263 -13.12 -42.83 3.47
N VAL A 264 -12.67 -42.78 4.70
CA VAL A 264 -11.24 -42.76 4.97
C VAL A 264 -10.69 -44.15 4.80
N SER A 265 -11.56 -45.16 4.74
CA SER A 265 -11.14 -46.53 4.46
CA SER A 265 -11.16 -46.53 4.46
C SER A 265 -10.81 -46.71 2.98
N LEU A 266 -11.64 -46.14 2.10
CA LEU A 266 -11.37 -46.21 0.68
C LEU A 266 -10.06 -45.50 0.37
N VAL A 267 -9.78 -44.44 1.13
CA VAL A 267 -8.53 -43.70 0.99
C VAL A 267 -7.34 -44.56 1.39
N LEU A 268 -7.37 -45.14 2.59
CA LEU A 268 -6.30 -46.05 3.03
C LEU A 268 -6.09 -47.15 1.98
N GLY A 269 -7.22 -47.82 1.67
CA GLY A 269 -7.33 -48.86 0.67
C GLY A 269 -6.79 -50.19 1.07
N GLY A 270 -5.54 -50.15 1.53
CA GLY A 270 -4.82 -51.32 2.00
C GLY A 270 -3.59 -51.04 2.83
N PRO A 271 -2.87 -52.11 3.19
CA PRO A 271 -1.68 -51.92 4.02
C PRO A 271 -0.61 -51.14 3.26
N ARG A 272 0.05 -50.21 3.94
CA ARG A 272 1.12 -49.41 3.36
C ARG A 272 2.32 -49.29 4.32
N PRO A 273 2.97 -50.42 4.62
CA PRO A 273 4.10 -50.42 5.56
C PRO A 273 5.24 -49.59 5.04
N GLU A 274 5.36 -49.56 3.74
CA GLU A 274 6.42 -48.82 3.08
CA GLU A 274 6.43 -48.81 3.08
C GLU A 274 6.25 -47.30 3.32
N LEU A 275 5.03 -46.79 3.12
CA LEU A 275 4.75 -45.40 3.28
C LEU A 275 4.78 -45.02 4.76
N ALA A 276 4.38 -45.96 5.63
CA ALA A 276 4.50 -45.75 7.08
C ALA A 276 5.97 -45.62 7.55
N ASP A 277 6.84 -46.49 7.03
CA ASP A 277 8.27 -46.41 7.34
C ASP A 277 8.77 -45.07 6.90
N THR A 278 8.34 -44.60 5.72
CA THR A 278 8.79 -43.32 5.18
C THR A 278 8.43 -42.12 6.05
N ILE A 279 7.18 -42.04 6.48
CA ILE A 279 6.73 -40.94 7.32
C ILE A 279 7.29 -41.07 8.75
N GLU A 280 7.31 -42.29 9.31
CA GLU A 280 7.97 -42.51 10.60
C GLU A 280 9.37 -41.90 10.58
N GLU A 281 10.06 -42.00 9.47
CA GLU A 281 11.39 -41.47 9.48
C GLU A 281 11.42 -39.97 9.49
N ILE A 282 10.56 -39.32 8.71
CA ILE A 282 10.54 -37.86 8.76
C ILE A 282 10.19 -37.29 10.17
N CYS A 283 9.25 -37.92 10.85
CA CYS A 283 8.78 -37.43 12.13
C CYS A 283 9.81 -37.60 13.19
N ASN A 284 10.66 -38.58 13.02
CA ASN A 284 11.60 -38.95 14.07
C ASN A 284 12.87 -38.11 14.09
N GLN A 285 12.96 -37.12 13.24
CA GLN A 285 14.09 -36.25 13.31
C GLN A 285 14.04 -35.47 14.62
N ASN A 286 15.21 -35.02 15.07
CA ASN A 286 15.30 -34.33 16.34
C ASN A 286 14.34 -33.18 16.45
N SER A 287 14.29 -32.41 15.38
CA SER A 287 13.57 -31.17 15.34
C SER A 287 12.29 -31.26 14.56
N TRP A 288 11.29 -30.54 15.06
CA TRP A 288 10.06 -30.33 14.32
C TRP A 288 10.13 -29.12 13.33
N LYS A 289 11.31 -28.50 13.21
CA LYS A 289 11.51 -27.40 12.27
C LYS A 289 11.28 -27.79 10.82
N GLY A 290 10.37 -27.05 10.18
CA GLY A 290 9.97 -27.28 8.82
C GLY A 290 9.32 -28.63 8.61
N ILE A 291 8.67 -29.17 9.66
CA ILE A 291 8.08 -30.51 9.58
C ILE A 291 7.01 -30.49 8.52
N VAL A 292 6.35 -29.36 8.34
CA VAL A 292 5.23 -29.35 7.42
C VAL A 292 5.75 -29.58 6.00
N LYS A 293 6.88 -28.94 5.72
CA LYS A 293 7.46 -28.96 4.39
C LYS A 293 8.10 -30.34 4.09
N ARG A 294 8.31 -31.13 5.11
CA ARG A 294 9.10 -32.31 4.96
C ARG A 294 8.13 -33.43 4.75
N LEU A 295 6.94 -33.30 5.33
CA LEU A 295 5.89 -34.28 5.14
C LEU A 295 5.10 -33.96 3.88
N TRP A 296 5.08 -32.68 3.50
CA TRP A 296 4.33 -32.28 2.32
C TRP A 296 5.19 -31.36 1.44
N PRO A 297 6.20 -31.94 0.76
CA PRO A 297 7.21 -31.16 0.06
C PRO A 297 6.73 -30.30 -1.09
N ASN A 298 5.61 -30.64 -1.72
CA ASN A 298 5.13 -29.83 -2.83
C ASN A 298 4.24 -28.64 -2.41
N THR A 299 3.92 -28.57 -1.11
CA THR A 299 3.22 -27.44 -0.56
C THR A 299 3.89 -26.13 -1.04
N LYS A 300 3.09 -25.17 -1.48
CA LYS A 300 3.56 -23.93 -2.04
C LYS A 300 3.24 -22.78 -1.10
N TYR A 301 2.16 -22.91 -0.33
CA TYR A 301 1.78 -21.86 0.60
C TYR A 301 0.78 -22.34 1.63
N ILE A 302 0.66 -21.63 2.74
CA ILE A 302 -0.34 -21.94 3.75
C ILE A 302 -1.46 -20.92 3.60
N GLU A 303 -2.66 -21.43 3.32
CA GLU A 303 -3.80 -20.58 3.14
C GLU A 303 -4.55 -20.44 4.44
N THR A 304 -4.21 -19.41 5.19
CA THR A 304 -4.86 -19.16 6.44
C THR A 304 -4.71 -17.67 6.78
N VAL A 305 -5.70 -17.10 7.47
CA VAL A 305 -5.69 -15.71 7.84
C VAL A 305 -4.70 -15.49 8.99
N VAL A 306 -3.85 -14.47 8.86
CA VAL A 306 -2.87 -14.09 9.88
C VAL A 306 -2.84 -12.57 10.09
N THR A 307 -3.98 -11.94 9.77
CA THR A 307 -4.18 -10.53 10.08
C THR A 307 -4.94 -10.39 11.40
N GLY A 308 -5.10 -9.17 11.91
CA GLY A 308 -5.62 -8.96 13.24
C GLY A 308 -4.90 -9.78 14.31
N SER A 309 -5.62 -10.23 15.32
CA SER A 309 -4.99 -10.97 16.43
C SER A 309 -4.31 -12.26 15.99
N MET A 310 -4.72 -12.76 14.84
CA MET A 310 -4.21 -14.00 14.29
C MET A 310 -2.77 -13.89 13.87
N GLY A 311 -2.28 -12.66 13.80
CA GLY A 311 -0.90 -12.43 13.44
C GLY A 311 0.03 -12.94 14.51
N GLN A 312 -0.50 -13.37 15.65
CA GLN A 312 0.43 -13.78 16.67
C GLN A 312 0.90 -15.20 16.52
N TYR A 313 0.37 -15.86 15.50
CA TYR A 313 0.72 -17.23 15.22
C TYR A 313 1.75 -17.29 14.10
N VAL A 314 2.12 -16.14 13.55
CA VAL A 314 3.03 -16.13 12.41
C VAL A 314 4.44 -16.72 12.70
N PRO A 315 5.02 -16.41 13.88
CA PRO A 315 6.37 -16.92 14.10
C PRO A 315 6.38 -18.44 14.19
N MET A 316 5.33 -19.00 14.79
CA MET A 316 5.29 -20.45 15.03
C MET A 316 4.84 -21.22 13.79
N LEU A 317 4.05 -20.60 12.95
CA LEU A 317 3.73 -21.18 11.68
C LEU A 317 4.95 -21.12 10.75
N ASN A 318 5.75 -20.07 10.84
CA ASN A 318 6.96 -19.99 10.03
C ASN A 318 8.03 -20.95 10.47
N TYR A 319 8.01 -21.28 11.74
CA TYR A 319 8.86 -22.35 12.25
C TYR A 319 8.47 -23.67 11.62
N TYR A 320 7.23 -24.08 11.77
CA TYR A 320 6.85 -25.40 11.35
C TYR A 320 6.79 -25.56 9.84
N CYS A 321 6.72 -24.44 9.13
CA CYS A 321 6.48 -24.50 7.70
C CYS A 321 7.68 -24.05 6.85
N ASN A 322 8.71 -23.54 7.51
CA ASN A 322 9.96 -23.10 6.87
C ASN A 322 9.79 -21.90 6.00
N ASP A 323 9.14 -20.90 6.59
CA ASP A 323 8.88 -19.64 5.93
C ASP A 323 8.16 -19.75 4.56
N LEU A 324 7.16 -20.62 4.50
CA LEU A 324 6.30 -20.67 3.32
C LEU A 324 5.39 -19.46 3.40
N PRO A 325 4.99 -18.92 2.25
CA PRO A 325 4.07 -17.77 2.35
C PRO A 325 2.83 -18.17 3.15
N LEU A 326 2.41 -17.27 4.04
CA LEU A 326 1.12 -17.39 4.70
C LEU A 326 0.17 -16.44 4.00
N VAL A 327 -0.72 -16.98 3.17
CA VAL A 327 -1.65 -16.17 2.41
C VAL A 327 -2.98 -15.97 3.14
N SER A 328 -3.25 -14.73 3.54
CA SER A 328 -4.58 -14.32 4.04
C SER A 328 -5.39 -13.72 2.91
N THR A 329 -6.48 -14.41 2.54
CA THR A 329 -7.30 -14.07 1.35
C THR A 329 -8.51 -13.21 1.60
N THR A 330 -9.20 -13.37 2.72
CA THR A 330 -10.56 -12.86 2.82
C THR A 330 -10.82 -12.16 4.11
N TYR A 331 -11.66 -11.15 4.04
CA TYR A 331 -12.14 -10.50 5.25
C TYR A 331 -13.70 -10.60 5.29
N GLY A 332 -14.20 -11.15 6.39
CA GLY A 332 -15.61 -11.48 6.49
C GLY A 332 -16.20 -11.68 7.89
N SER A 333 -17.52 -11.64 7.94
CA SER A 333 -18.21 -11.75 9.20
C SER A 333 -19.56 -12.34 8.92
N SER A 334 -20.34 -12.39 9.99
CA SER A 334 -21.70 -12.90 9.94
CA SER A 334 -21.70 -12.91 9.94
C SER A 334 -22.63 -11.88 9.32
N GLU A 335 -22.30 -10.59 9.44
CA GLU A 335 -23.03 -9.54 8.72
C GLU A 335 -22.78 -9.69 7.23
N THR A 336 -21.53 -9.91 6.84
CA THR A 336 -21.21 -10.01 5.42
C THR A 336 -19.79 -10.43 5.22
N THR A 337 -19.47 -10.93 4.02
CA THR A 337 -18.07 -10.97 3.55
C THR A 337 -17.74 -9.56 3.06
N PHE A 338 -16.53 -9.07 3.31
CA PHE A 338 -16.24 -7.66 2.96
C PHE A 338 -15.55 -7.64 1.62
N GLY A 339 -14.54 -8.49 1.46
CA GLY A 339 -13.68 -8.52 0.31
C GLY A 339 -12.44 -9.41 0.46
N ILE A 340 -11.49 -9.27 -0.47
CA ILE A 340 -10.30 -10.12 -0.51
C ILE A 340 -9.00 -9.33 -0.64
N ASN A 341 -7.92 -10.05 -0.48
CA ASN A 341 -6.57 -9.51 -0.54
C ASN A 341 -6.03 -9.75 -1.94
N LEU A 342 -5.82 -8.69 -2.73
CA LEU A 342 -5.39 -8.84 -4.16
C LEU A 342 -3.89 -8.91 -4.37
N ASP A 343 -3.13 -8.77 -3.29
CA ASP A 343 -1.69 -9.01 -3.29
C ASP A 343 -1.37 -10.11 -2.29
N PRO A 344 -1.79 -11.35 -2.62
CA PRO A 344 -1.86 -12.47 -1.67
C PRO A 344 -0.53 -12.92 -1.03
N LEU A 345 0.62 -12.84 -1.70
CA LEU A 345 1.92 -13.28 -1.13
C LEU A 345 2.71 -12.12 -0.62
N CYS A 346 2.01 -11.15 -0.08
CA CYS A 346 2.61 -10.09 0.68
C CYS A 346 2.71 -10.53 2.14
N LYS A 347 3.19 -9.64 3.00
CA LYS A 347 3.48 -9.99 4.37
C LYS A 347 2.29 -9.59 5.16
N PRO A 348 2.02 -10.27 6.28
CA PRO A 348 0.75 -10.01 7.02
C PRO A 348 0.54 -8.56 7.41
N GLU A 349 1.59 -7.87 7.81
CA GLU A 349 1.42 -6.51 8.32
C GLU A 349 1.06 -5.60 7.15
N ASP A 350 1.46 -6.01 5.94
CA ASP A 350 1.19 -5.25 4.72
C ASP A 350 -0.09 -5.66 3.94
N VAL A 351 -1.00 -6.38 4.57
CA VAL A 351 -2.18 -6.89 3.86
C VAL A 351 -3.30 -5.89 3.84
N SER A 352 -3.91 -5.72 2.68
CA SER A 352 -5.09 -4.89 2.59
C SER A 352 -6.20 -5.63 1.88
N TYR A 353 -7.41 -5.52 2.40
CA TYR A 353 -8.57 -6.15 1.80
C TYR A 353 -9.31 -5.13 0.96
N THR A 354 -9.51 -5.45 -0.31
CA THR A 354 -10.24 -4.56 -1.22
C THR A 354 -11.72 -4.93 -1.18
N PHE A 355 -12.53 -4.21 -0.40
CA PHE A 355 -13.97 -4.52 -0.30
C PHE A 355 -14.59 -4.66 -1.69
N MET A 356 -15.54 -5.57 -1.83
CA MET A 356 -16.23 -5.82 -3.08
C MET A 356 -17.67 -5.25 -3.02
N PRO A 357 -17.97 -4.35 -3.96
CA PRO A 357 -19.16 -3.51 -3.88
C PRO A 357 -20.47 -4.24 -4.18
N ASN A 358 -20.42 -5.49 -4.63
CA ASN A 358 -21.61 -6.28 -4.84
C ASN A 358 -22.05 -7.17 -3.64
N MET A 359 -21.37 -7.03 -2.51
CA MET A 359 -21.60 -7.85 -1.33
C MET A 359 -22.73 -7.26 -0.53
N SER A 360 -22.48 -6.07 -0.02
CA SER A 360 -23.46 -5.36 0.77
C SER A 360 -23.20 -3.91 0.56
N TYR A 361 -24.14 -3.10 1.04
CA TYR A 361 -23.98 -1.67 1.01
C TYR A 361 -23.21 -1.23 2.24
N PHE A 362 -21.98 -0.73 2.02
CA PHE A 362 -21.01 -0.41 3.08
C PHE A 362 -21.01 1.06 3.43
N GLU A 363 -20.95 1.37 4.71
CA GLU A 363 -20.77 2.74 5.13
C GLU A 363 -19.69 2.69 6.18
N PHE A 364 -19.24 3.86 6.57
CA PHE A 364 -18.08 3.99 7.40
C PHE A 364 -18.18 5.26 8.30
N ILE A 365 -17.98 5.03 9.59
CA ILE A 365 -17.97 6.07 10.63
C ILE A 365 -16.52 6.41 10.96
N PRO A 366 -16.07 7.66 10.73
CA PRO A 366 -14.65 8.01 11.00
C PRO A 366 -14.26 7.78 12.45
N MET A 367 -13.02 7.42 12.71
CA MET A 367 -12.53 7.13 14.05
C MET A 367 -11.26 7.97 14.30
N ASP A 368 -11.00 8.94 13.42
CA ASP A 368 -10.00 9.93 13.70
C ASP A 368 -10.43 11.21 13.02
N GLY A 369 -9.71 12.30 13.30
CA GLY A 369 -10.03 13.61 12.80
C GLY A 369 -9.81 13.77 11.30
N GLY A 370 -9.32 12.71 10.66
CA GLY A 370 -9.02 12.73 9.25
C GLY A 370 -10.25 12.98 8.42
N ASP A 371 -11.38 12.49 8.92
CA ASP A 371 -12.65 12.60 8.23
C ASP A 371 -13.61 13.15 9.26
N LYS A 372 -13.92 14.43 9.14
CA LYS A 372 -14.75 15.11 10.12
C LYS A 372 -16.25 14.85 9.90
N ASN A 373 -16.57 13.96 8.96
CA ASN A 373 -17.95 13.62 8.63
C ASN A 373 -18.61 12.72 9.67
N ASP A 374 -19.93 12.78 9.67
CA ASP A 374 -20.77 11.99 10.53
C ASP A 374 -20.63 10.52 10.15
N VAL A 375 -20.58 10.28 8.84
CA VAL A 375 -20.47 8.94 8.24
C VAL A 375 -20.26 9.09 6.73
N VAL A 376 -19.59 8.12 6.12
CA VAL A 376 -19.28 8.23 4.69
C VAL A 376 -19.52 6.90 3.97
N ASP A 377 -19.76 7.03 2.66
CA ASP A 377 -19.90 5.89 1.72
C ASP A 377 -18.59 5.30 1.27
N LEU A 378 -18.67 4.09 0.74
CA LEU A 378 -17.52 3.37 0.17
C LEU A 378 -16.60 4.19 -0.70
N GLU A 379 -17.13 4.87 -1.72
CA GLU A 379 -16.30 5.65 -2.64
C GLU A 379 -15.86 6.97 -2.05
N ASP A 380 -16.31 7.31 -0.84
CA ASP A 380 -15.96 8.59 -0.22
C ASP A 380 -14.88 8.50 0.89
N VAL A 381 -14.51 7.32 1.35
CA VAL A 381 -13.49 7.21 2.36
C VAL A 381 -12.13 7.87 1.93
N LYS A 382 -11.43 8.44 2.92
CA LYS A 382 -10.24 9.18 2.60
C LYS A 382 -9.04 8.33 2.92
N LEU A 383 -7.99 8.55 2.13
CA LEU A 383 -6.74 7.84 2.22
C LEU A 383 -6.07 8.14 3.53
N GLY A 384 -5.71 7.11 4.28
CA GLY A 384 -5.07 7.29 5.56
C GLY A 384 -5.98 7.52 6.72
N CYS A 385 -7.30 7.47 6.50
CA CYS A 385 -8.25 7.66 7.60
C CYS A 385 -8.70 6.32 8.12
N THR A 386 -9.03 6.27 9.41
CA THR A 386 -9.55 5.05 10.02
C THR A 386 -11.06 5.14 10.24
N TYR A 387 -11.72 3.99 10.18
CA TYR A 387 -13.15 3.96 10.13
C TYR A 387 -13.69 2.67 10.65
N GLU A 388 -14.87 2.75 11.28
CA GLU A 388 -15.68 1.56 11.59
C GLU A 388 -16.73 1.31 10.48
N PRO A 389 -16.60 0.17 9.77
CA PRO A 389 -17.57 -0.20 8.76
C PRO A 389 -19.00 -0.30 9.29
N VAL A 390 -19.95 -0.24 8.37
CA VAL A 390 -21.38 -0.22 8.64
C VAL A 390 -22.08 -0.91 7.47
N VAL A 391 -22.78 -2.00 7.78
CA VAL A 391 -23.30 -2.95 6.81
C VAL A 391 -24.82 -2.89 6.67
N THR A 392 -25.30 -2.92 5.42
CA THR A 392 -26.71 -3.10 5.16
C THR A 392 -26.77 -4.26 4.17
N ASN A 393 -27.44 -5.34 4.54
CA ASN A 393 -27.44 -6.56 3.72
C ASN A 393 -28.77 -7.07 3.13
N PHE A 394 -28.73 -8.32 2.66
CA PHE A 394 -29.88 -8.94 1.98
C PHE A 394 -30.67 -9.89 2.91
N ALA A 395 -30.55 -9.68 4.21
CA ALA A 395 -31.11 -10.57 5.19
C ALA A 395 -31.58 -9.87 6.44
N GLY A 396 -31.90 -8.57 6.35
CA GLY A 396 -32.59 -7.88 7.44
C GLY A 396 -31.78 -6.94 8.34
N LEU A 397 -30.48 -6.81 8.10
CA LEU A 397 -29.67 -5.85 8.84
C LEU A 397 -29.53 -4.56 8.05
N TYR A 398 -29.76 -3.46 8.75
CA TYR A 398 -29.76 -2.13 8.15
C TYR A 398 -28.94 -1.18 9.02
N ARG A 399 -27.86 -0.69 8.41
CA ARG A 399 -26.91 0.25 9.00
C ARG A 399 -26.35 -0.28 10.30
N MET A 400 -25.93 -1.52 10.27
CA MET A 400 -25.43 -2.23 11.43
C MET A 400 -23.90 -2.05 11.58
N ARG A 401 -23.46 -1.49 12.71
CA ARG A 401 -22.03 -1.37 13.07
C ARG A 401 -21.29 -2.72 13.27
N VAL A 402 -20.15 -2.86 12.62
CA VAL A 402 -19.51 -4.14 12.54
C VAL A 402 -18.61 -4.33 13.72
N GLY A 403 -18.06 -3.23 14.24
CA GLY A 403 -17.12 -3.30 15.36
C GLY A 403 -15.75 -3.77 14.96
N ASP A 404 -15.30 -3.31 13.80
CA ASP A 404 -13.90 -3.42 13.45
C ASP A 404 -13.48 -2.02 13.10
N ILE A 405 -12.20 -1.74 13.29
CA ILE A 405 -11.58 -0.54 12.75
C ILE A 405 -10.74 -0.92 11.55
N VAL A 406 -10.92 -0.20 10.44
CA VAL A 406 -10.12 -0.37 9.26
C VAL A 406 -9.41 0.94 8.87
N LEU A 407 -8.22 0.80 8.30
CA LEU A 407 -7.48 1.93 7.75
C LEU A 407 -7.48 1.93 6.21
N VAL A 408 -7.83 3.06 5.59
CA VAL A 408 -7.74 3.15 4.13
C VAL A 408 -6.26 3.35 3.71
N THR A 409 -5.74 2.41 2.89
CA THR A 409 -4.34 2.36 2.50
C THR A 409 -4.10 2.65 1.04
N GLY A 410 -5.14 2.50 0.25
CA GLY A 410 -5.01 2.56 -1.19
C GLY A 410 -6.30 2.29 -1.91
N PHE A 411 -6.19 2.21 -3.22
CA PHE A 411 -7.34 2.12 -4.11
C PHE A 411 -6.95 1.28 -5.30
N TYR A 412 -7.72 0.22 -5.52
CA TYR A 412 -7.70 -0.47 -6.79
C TYR A 412 -8.83 0.12 -7.67
N ASN A 413 -8.41 0.86 -8.71
CA ASN A 413 -9.32 1.69 -9.47
C ASN A 413 -10.12 2.64 -8.56
N ASN A 414 -11.44 2.47 -8.47
CA ASN A 414 -12.23 3.26 -7.50
C ASN A 414 -12.58 2.52 -6.17
N ALA A 415 -12.14 1.27 -6.06
CA ALA A 415 -12.37 0.46 -4.87
C ALA A 415 -11.26 0.63 -3.81
N PRO A 416 -11.62 1.06 -2.60
CA PRO A 416 -10.63 1.27 -1.56
C PRO A 416 -9.98 -0.02 -1.02
N GLN A 417 -8.79 0.11 -0.44
CA GLN A 417 -8.10 -1.02 0.14
C GLN A 417 -7.90 -0.73 1.62
N PHE A 418 -8.36 -1.68 2.46
CA PHE A 418 -8.35 -1.48 3.92
C PHE A 418 -7.35 -2.35 4.66
N LYS A 419 -6.64 -1.75 5.62
CA LYS A 419 -5.93 -2.54 6.61
C LYS A 419 -6.88 -2.86 7.71
N PHE A 420 -6.89 -4.13 8.06
CA PHE A 420 -7.59 -4.48 9.28
C PHE A 420 -6.70 -4.10 10.47
N VAL A 421 -7.21 -3.27 11.37
CA VAL A 421 -6.42 -2.74 12.47
C VAL A 421 -6.70 -3.49 13.77
N ARG A 422 -7.94 -3.39 14.22
CA ARG A 422 -8.34 -3.87 15.53
C ARG A 422 -9.85 -4.10 15.57
N ARG A 423 -10.28 -4.94 16.51
CA ARG A 423 -11.69 -5.15 16.82
C ARG A 423 -12.08 -4.16 17.92
N GLU A 424 -13.02 -3.26 17.65
CA GLU A 424 -13.17 -2.02 18.44
C GLU A 424 -13.12 -2.21 19.96
N ASN A 425 -13.78 -3.27 20.46
CA ASN A 425 -13.83 -3.53 21.90
C ASN A 425 -13.43 -4.98 22.15
N VAL A 426 -12.15 -5.24 22.41
CA VAL A 426 -11.72 -6.55 22.88
C VAL A 426 -10.57 -6.39 23.86
N VAL A 427 -10.39 -7.43 24.68
CA VAL A 427 -9.21 -7.60 25.52
C VAL A 427 -8.36 -8.76 24.96
N LEU A 428 -8.87 -9.99 25.06
CA LEU A 428 -8.11 -11.20 24.67
C LEU A 428 -8.88 -12.17 23.75
N SER A 429 -8.15 -12.82 22.84
CA SER A 429 -8.72 -13.85 21.96
C SER A 429 -7.64 -14.85 21.53
N ILE A 430 -7.87 -16.12 21.85
CA ILE A 430 -6.88 -17.17 21.64
C ILE A 430 -7.35 -18.23 20.62
N ASP A 431 -8.44 -17.92 19.90
CA ASP A 431 -9.10 -18.88 19.00
C ASP A 431 -10.42 -18.31 18.46
N SER A 432 -11.45 -19.15 18.34
CA SER A 432 -12.78 -18.67 17.95
C SER A 432 -13.35 -17.69 18.99
N ASP A 433 -13.04 -17.95 20.26
CA ASP A 433 -13.56 -17.19 21.40
C ASP A 433 -13.30 -15.69 21.31
N LYS A 434 -14.36 -14.90 21.50
CA LYS A 434 -14.23 -13.45 21.61
C LYS A 434 -14.64 -13.04 23.02
N THR A 435 -13.66 -12.64 23.82
CA THR A 435 -13.90 -12.26 25.21
C THR A 435 -13.81 -10.73 25.36
N ASN A 436 -14.95 -10.05 25.15
CA ASN A 436 -15.05 -8.60 25.28
C ASN A 436 -14.49 -8.11 26.62
N GLU A 437 -13.99 -6.88 26.66
CA GLU A 437 -13.41 -6.31 27.89
C GLU A 437 -14.42 -6.22 29.04
N GLU A 438 -15.71 -6.26 28.72
CA GLU A 438 -16.77 -6.30 29.73
C GLU A 438 -16.93 -7.72 30.31
N ASP A 439 -16.93 -8.74 29.44
CA ASP A 439 -16.98 -10.14 29.86
C ASP A 439 -15.64 -10.58 30.45
N LEU A 440 -14.61 -9.75 30.26
CA LEU A 440 -13.33 -9.92 30.94
C LEU A 440 -13.39 -9.35 32.37
N PHE A 441 -13.98 -8.16 32.53
CA PHE A 441 -14.12 -7.55 33.86
C PHE A 441 -15.20 -8.27 34.67
N LYS A 442 -15.83 -9.26 34.03
CA LYS A 442 -16.78 -10.17 34.67
C LYS A 442 -16.06 -11.26 35.46
N ALA A 443 -14.74 -11.11 35.56
CA ALA A 443 -13.89 -12.02 36.35
C ALA A 443 -13.04 -11.28 37.40
N VAL A 444 -12.48 -10.12 37.02
CA VAL A 444 -11.73 -9.28 37.95
C VAL A 444 -12.61 -8.93 39.15
N SER A 445 -13.89 -8.72 38.89
CA SER A 445 -14.93 -8.59 39.92
C SER A 445 -15.44 -9.96 40.45
N GLN A 446 -15.68 -10.92 39.56
CA GLN A 446 -16.48 -12.10 39.85
C GLN A 446 -15.95 -13.00 40.96
N ALA A 447 -14.72 -13.45 40.82
CA ALA A 447 -14.16 -14.44 41.74
C ALA A 447 -13.53 -13.75 42.93
N LYS A 448 -13.49 -12.43 42.89
CA LYS A 448 -12.89 -11.67 43.98
C LYS A 448 -13.65 -11.81 45.30
N LEU A 449 -14.98 -11.85 45.25
CA LEU A 449 -15.86 -12.00 46.42
C LEU A 449 -15.51 -13.19 47.34
N VAL A 450 -14.87 -14.22 46.77
CA VAL A 450 -14.50 -15.42 47.53
C VAL A 450 -13.03 -15.34 48.06
N LEU A 451 -12.20 -14.48 47.47
CA LEU A 451 -10.94 -14.04 48.12
C LEU A 451 -11.27 -13.19 49.34
N GLU A 452 -12.38 -12.47 49.22
CA GLU A 452 -12.86 -11.56 50.27
C GLU A 452 -13.23 -12.28 51.57
N SER A 453 -13.79 -13.48 51.44
CA SER A 453 -14.38 -14.21 52.57
C SER A 453 -13.38 -14.93 53.52
N SER A 454 -12.08 -14.78 53.26
CA SER A 454 -11.02 -15.57 53.93
C SER A 454 -9.79 -14.77 54.45
N GLY A 455 -9.79 -13.46 54.28
CA GLY A 455 -8.65 -12.62 54.65
C GLY A 455 -7.79 -12.19 53.46
N LEU A 456 -8.47 -11.78 52.39
CA LEU A 456 -7.82 -11.26 51.18
C LEU A 456 -8.64 -10.13 50.54
N ASP A 457 -7.95 -9.18 49.92
CA ASP A 457 -8.59 -8.05 49.27
C ASP A 457 -7.85 -7.68 47.98
N LEU A 458 -8.56 -7.75 46.86
CA LEU A 458 -7.99 -7.55 45.54
C LEU A 458 -7.34 -6.18 45.38
N LYS A 459 -6.37 -6.10 44.47
CA LYS A 459 -5.57 -4.88 44.27
C LYS A 459 -5.68 -4.36 42.85
N ASP A 460 -5.56 -5.25 41.87
CA ASP A 460 -5.61 -4.86 40.45
C ASP A 460 -5.85 -6.04 39.49
N PHE A 461 -5.96 -5.71 38.20
CA PHE A 461 -6.30 -6.68 37.17
C PHE A 461 -5.85 -6.21 35.78
N THR A 462 -5.47 -7.17 34.94
CA THR A 462 -5.02 -6.92 33.57
C THR A 462 -4.72 -8.27 32.91
N SER A 463 -5.02 -8.38 31.60
CA SER A 463 -5.00 -9.68 30.87
C SER A 463 -4.09 -9.73 29.63
N TYR A 464 -3.47 -10.89 29.38
CA TYR A 464 -2.64 -11.11 28.20
C TYR A 464 -2.90 -12.52 27.63
N ALA A 465 -2.64 -12.71 26.34
CA ALA A 465 -2.83 -14.03 25.72
C ALA A 465 -1.50 -14.68 25.37
N ASP A 466 -1.27 -15.84 25.96
CA ASP A 466 0.00 -16.56 25.81
C ASP A 466 -0.04 -17.52 24.63
N THR A 467 1.03 -17.48 23.86
CA THR A 467 1.17 -18.36 22.73
C THR A 467 2.55 -18.98 22.85
N SER A 468 3.03 -19.07 24.10
CA SER A 468 4.30 -19.73 24.41
C SER A 468 4.21 -21.22 24.04
N THR A 469 3.16 -21.88 24.52
CA THR A 469 2.86 -23.25 24.15
C THR A 469 1.47 -23.34 23.54
N PHE A 470 1.21 -24.42 22.81
CA PHE A 470 -0.14 -24.78 22.41
C PHE A 470 -0.67 -25.84 23.39
N PRO A 471 -1.95 -25.73 23.81
CA PRO A 471 -2.86 -24.61 23.49
C PRO A 471 -2.65 -23.36 24.36
N GLY A 472 -2.63 -22.19 23.72
CA GLY A 472 -2.50 -20.92 24.41
C GLY A 472 -3.70 -20.68 25.31
N HIS A 473 -3.68 -19.58 26.07
CA HIS A 473 -4.77 -19.33 26.99
C HIS A 473 -4.75 -17.88 27.42
N TYR A 474 -5.41 -17.57 28.54
CA TYR A 474 -5.44 -16.21 29.03
C TYR A 474 -4.52 -16.07 30.25
N VAL A 475 -3.54 -15.17 30.14
CA VAL A 475 -2.67 -14.71 31.24
C VAL A 475 -3.35 -13.56 32.03
N VAL A 476 -3.38 -13.67 33.36
CA VAL A 476 -4.04 -12.66 34.22
C VAL A 476 -3.24 -12.35 35.50
N TYR A 477 -2.79 -11.11 35.65
CA TYR A 477 -2.04 -10.69 36.84
C TYR A 477 -2.97 -10.12 37.92
N LEU A 478 -2.95 -10.72 39.12
CA LEU A 478 -3.83 -10.29 40.20
C LEU A 478 -2.98 -9.80 41.39
N GLU A 479 -3.60 -9.05 42.29
CA GLU A 479 -2.90 -8.52 43.47
C GLU A 479 -3.85 -8.35 44.66
N GLY A 485 -2.69 -11.88 60.26
CA GLY A 485 -1.66 -11.89 61.28
C GLY A 485 -1.88 -12.93 62.35
N GLU A 486 -2.95 -12.77 63.12
CA GLU A 486 -3.28 -13.71 64.20
C GLU A 486 -3.79 -15.03 63.63
N GLN A 492 -0.71 -18.20 57.07
CA GLN A 492 0.46 -17.43 57.45
C GLN A 492 1.62 -17.55 56.44
N PHE A 493 2.56 -18.44 56.73
CA PHE A 493 3.92 -18.43 56.14
C PHE A 493 4.02 -18.59 54.60
N GLU A 494 3.31 -19.56 54.02
CA GLU A 494 3.34 -19.81 52.56
C GLU A 494 2.16 -19.10 51.85
N LEU A 495 1.83 -19.52 50.63
CA LEU A 495 0.73 -18.90 49.85
C LEU A 495 -0.46 -19.85 49.63
N ASP A 496 -1.68 -19.29 49.71
CA ASP A 496 -2.93 -20.06 49.72
C ASP A 496 -3.34 -20.54 48.31
N GLU A 497 -3.82 -21.78 48.22
CA GLU A 497 -4.07 -22.47 46.93
C GLU A 497 -5.53 -22.83 46.68
N GLU A 498 -6.11 -23.62 47.60
CA GLU A 498 -7.53 -23.99 47.59
C GLU A 498 -8.48 -22.80 47.36
N ALA A 499 -8.17 -21.68 48.01
CA ALA A 499 -9.03 -20.49 48.02
C ALA A 499 -8.93 -19.67 46.72
N LEU A 500 -7.83 -19.83 45.98
CA LEU A 500 -7.47 -18.94 44.86
C LEU A 500 -7.32 -19.68 43.53
N SER A 501 -7.31 -21.01 43.57
CA SER A 501 -7.44 -21.82 42.37
C SER A 501 -8.90 -21.95 41.98
N THR A 502 -9.80 -21.65 42.91
CA THR A 502 -11.21 -21.64 42.56
C THR A 502 -11.47 -20.43 41.67
N CYS A 503 -10.79 -19.32 41.96
CA CYS A 503 -10.93 -18.09 41.19
C CYS A 503 -10.82 -18.28 39.69
N CYS A 504 -9.64 -18.73 39.26
CA CYS A 504 -9.43 -19.04 37.86
C CYS A 504 -10.54 -19.95 37.30
N LEU A 505 -10.96 -20.99 38.03
CA LEU A 505 -12.03 -21.86 37.50
C LEU A 505 -13.42 -21.20 37.50
N VAL A 506 -13.65 -20.18 38.34
CA VAL A 506 -14.92 -19.40 38.33
C VAL A 506 -14.78 -18.07 37.55
N MET A 507 -13.56 -17.74 37.14
CA MET A 507 -13.35 -16.72 36.14
C MET A 507 -13.87 -17.27 34.81
N GLU A 508 -13.59 -18.55 34.56
CA GLU A 508 -13.90 -19.17 33.27
C GLU A 508 -15.39 -19.27 33.05
N GLU A 509 -16.09 -19.55 34.14
CA GLU A 509 -17.54 -19.71 34.13
C GLU A 509 -18.24 -18.42 33.69
N SER A 510 -17.48 -17.32 33.69
CA SER A 510 -17.96 -15.99 33.27
C SER A 510 -17.71 -15.75 31.78
N LEU A 511 -16.91 -16.63 31.17
CA LEU A 511 -16.58 -16.50 29.76
C LEU A 511 -17.79 -16.89 28.90
N ASP A 512 -17.72 -16.57 27.60
CA ASP A 512 -18.81 -16.82 26.67
C ASP A 512 -18.90 -18.31 26.29
N ASN A 513 -19.91 -18.65 25.47
CA ASN A 513 -20.13 -20.02 24.98
C ASN A 513 -19.09 -20.39 23.93
N VAL A 514 -18.86 -19.46 23.01
CA VAL A 514 -17.87 -19.56 21.94
C VAL A 514 -16.47 -19.83 22.52
N TYR A 515 -16.24 -19.38 23.75
CA TYR A 515 -14.98 -19.53 24.44
C TYR A 515 -14.83 -20.91 25.05
N LYS A 516 -15.78 -21.26 25.92
CA LYS A 516 -15.72 -22.53 26.59
C LYS A 516 -15.57 -23.69 25.60
N ARG A 517 -16.31 -23.59 24.51
CA ARG A 517 -16.33 -24.59 23.45
C ARG A 517 -14.91 -24.95 23.03
N CYS A 518 -14.14 -23.90 22.75
CA CYS A 518 -12.71 -24.00 22.39
C CYS A 518 -11.79 -24.48 23.55
N ARG A 519 -12.13 -24.13 24.79
CA ARG A 519 -11.35 -24.53 25.96
C ARG A 519 -11.32 -26.05 26.22
N PHE A 520 -12.40 -26.72 25.85
CA PHE A 520 -12.57 -28.15 26.12
C PHE A 520 -12.75 -28.95 24.83
N LYS A 521 -13.89 -28.78 24.17
CA LYS A 521 -14.30 -29.58 23.00
C LYS A 521 -13.39 -29.39 21.77
N ASP A 522 -13.04 -28.15 21.45
CA ASP A 522 -12.05 -27.90 20.42
C ASP A 522 -10.65 -28.25 20.96
N GLY A 523 -10.51 -28.29 22.29
CA GLY A 523 -9.25 -28.67 22.92
C GLY A 523 -8.14 -27.75 22.45
N SER A 524 -8.46 -26.46 22.45
CA SER A 524 -7.62 -25.43 21.84
C SER A 524 -7.13 -24.45 22.90
N ILE A 525 -7.49 -24.68 24.16
CA ILE A 525 -7.10 -23.83 25.28
C ILE A 525 -6.94 -24.65 26.55
N GLY A 526 -5.97 -24.26 27.36
CA GLY A 526 -5.67 -24.99 28.58
C GLY A 526 -6.43 -24.41 29.74
N PRO A 527 -6.05 -24.84 30.96
CA PRO A 527 -6.53 -24.26 32.21
C PRO A 527 -6.18 -22.78 32.26
N LEU A 528 -7.15 -21.98 32.66
CA LEU A 528 -6.95 -20.56 32.84
C LEU A 528 -6.18 -20.36 34.16
N GLU A 529 -5.48 -19.23 34.29
CA GLU A 529 -4.50 -19.08 35.36
C GLU A 529 -4.23 -17.62 35.74
N ILE A 530 -3.65 -17.46 36.93
CA ILE A 530 -3.34 -16.14 37.51
C ILE A 530 -1.92 -16.12 38.09
N ARG A 531 -1.27 -14.96 38.02
CA ARG A 531 0.14 -14.81 38.42
C ARG A 531 0.32 -13.64 39.41
N VAL A 532 0.32 -13.97 40.71
CA VAL A 532 0.28 -12.95 41.76
C VAL A 532 1.54 -12.08 41.80
N VAL A 533 1.33 -10.79 41.60
CA VAL A 533 2.41 -9.80 41.57
C VAL A 533 2.31 -8.79 42.71
N GLY A 536 1.41 -3.75 45.25
CA GLY A 536 1.54 -2.39 44.77
C GLY A 536 2.36 -2.35 43.50
N THR A 537 2.02 -3.21 42.55
CA THR A 537 2.72 -3.30 41.26
C THR A 537 1.85 -2.75 40.11
N PHE A 538 0.81 -1.99 40.47
CA PHE A 538 -0.13 -1.37 39.52
C PHE A 538 -0.30 0.14 39.79
N ASP A 539 0.31 0.61 40.88
CA ASP A 539 0.68 2.01 41.05
C ASP A 539 2.05 2.21 40.39
N SER A 540 2.81 1.11 40.34
CA SER A 540 4.08 1.03 39.63
C SER A 540 3.89 0.99 38.10
N LEU A 541 2.94 0.18 37.62
CA LEU A 541 2.65 0.11 36.18
C LEU A 541 2.00 1.40 35.63
N MET A 542 1.21 2.07 36.48
CA MET A 542 0.58 3.34 36.12
C MET A 542 1.61 4.39 35.69
N ASP A 543 2.79 4.33 36.32
CA ASP A 543 3.93 5.17 35.94
C ASP A 543 4.59 4.65 34.66
N PHE A 544 4.35 3.37 34.32
CA PHE A 544 4.81 2.77 33.07
C PHE A 544 3.83 3.05 31.91
N PHE A 545 2.95 4.04 32.11
CA PHE A 545 1.98 4.51 31.10
C PHE A 545 2.11 6.00 30.77
N ILE A 546 2.51 6.80 31.77
CA ILE A 546 2.98 8.17 31.54
C ILE A 546 4.44 8.11 31.02
N SER A 547 5.17 7.07 31.45
CA SER A 547 6.56 6.81 31.03
C SER A 547 6.71 6.67 29.50
N GLN A 548 5.62 6.29 28.84
CA GLN A 548 5.60 6.20 27.38
C GLN A 548 4.27 6.74 26.85
N GLY A 549 4.06 8.05 26.96
CA GLY A 549 2.83 8.69 26.49
C GLY A 549 2.18 9.58 27.54
N GLN A 554 -5.40 11.96 33.83
CA GLN A 554 -6.50 10.99 33.78
C GLN A 554 -6.08 9.75 32.99
N TYR A 555 -6.01 8.60 33.67
CA TYR A 555 -5.64 7.32 33.06
C TYR A 555 -6.35 6.15 33.74
N LYS A 556 -7.23 5.48 32.99
CA LYS A 556 -8.02 4.35 33.51
C LYS A 556 -7.45 2.99 33.09
N THR A 557 -7.84 1.93 33.81
CA THR A 557 -7.25 0.59 33.63
C THR A 557 -7.37 0.04 32.19
N PRO A 558 -6.39 -0.80 31.76
CA PRO A 558 -6.37 -1.31 30.39
C PRO A 558 -7.03 -2.69 30.26
N ARG A 559 -7.48 -3.00 29.05
CA ARG A 559 -8.11 -4.28 28.73
C ARG A 559 -7.10 -5.39 28.35
N CYS A 560 -6.02 -5.03 27.64
CA CYS A 560 -4.97 -5.99 27.25
C CYS A 560 -3.53 -5.49 27.48
N LYS A 565 8.31 -5.43 25.87
CA LYS A 565 8.89 -4.35 26.66
C LYS A 565 8.15 -4.18 28.00
N ALA A 566 6.84 -3.93 27.89
CA ALA A 566 5.96 -3.75 29.05
C ALA A 566 6.15 -4.92 29.99
N LEU A 567 6.13 -6.12 29.42
CA LEU A 567 6.09 -7.33 30.21
C LEU A 567 7.39 -7.66 30.92
N GLN A 568 8.55 -7.32 30.36
CA GLN A 568 9.79 -7.72 31.01
C GLN A 568 9.79 -7.31 32.49
N VAL A 569 9.43 -6.06 32.77
CA VAL A 569 9.29 -5.56 34.14
C VAL A 569 8.10 -6.18 34.95
N LEU A 570 6.94 -6.35 34.31
CA LEU A 570 5.80 -7.01 34.97
C LEU A 570 5.91 -8.51 35.18
N GLU A 571 6.58 -9.15 34.22
CA GLU A 571 6.92 -10.58 34.28
C GLU A 571 7.68 -10.83 35.56
N THR A 572 8.67 -9.97 35.81
CA THR A 572 9.58 -10.10 36.96
C THR A 572 8.79 -10.10 38.29
N CYS A 573 7.81 -9.19 38.42
CA CYS A 573 7.13 -8.91 39.69
C CYS A 573 6.17 -10.03 40.07
N VAL A 574 6.59 -11.30 39.97
CA VAL A 574 5.72 -12.43 40.32
C VAL A 574 6.45 -13.42 41.24
N VAL A 575 5.70 -14.05 42.15
CA VAL A 575 6.27 -15.03 43.07
C VAL A 575 5.69 -16.44 42.89
N ALA A 576 4.52 -16.57 42.27
CA ALA A 576 3.87 -17.86 42.11
C ALA A 576 2.87 -17.94 40.93
N LYS A 577 2.55 -19.18 40.54
CA LYS A 577 1.56 -19.47 39.50
C LYS A 577 0.64 -20.63 39.92
N PHE A 578 -0.63 -20.56 39.52
CA PHE A 578 -1.63 -21.56 39.92
C PHE A 578 -2.52 -21.98 38.72
N PHE A 579 -3.06 -23.19 38.80
CA PHE A 579 -3.93 -23.76 37.76
C PHE A 579 -5.38 -23.91 38.24
N SER A 580 -6.31 -23.89 37.28
CA SER A 580 -7.71 -24.17 37.56
C SER A 580 -8.10 -25.55 37.03
N ILE A 581 -9.08 -26.20 37.67
CA ILE A 581 -9.55 -27.53 37.28
C ILE A 581 -10.75 -28.00 38.09
N ASN B 14 3.69 13.02 14.92
CA ASN B 14 4.25 13.91 15.94
C ASN B 14 5.28 13.18 16.79
N GLU B 15 4.83 12.36 17.75
CA GLU B 15 5.70 11.37 18.38
C GLU B 15 5.70 10.17 17.46
N THR B 16 4.52 9.92 16.87
CA THR B 16 4.36 8.85 15.93
C THR B 16 4.93 9.39 14.62
N PHE B 17 6.04 10.14 14.69
CA PHE B 17 6.77 10.49 13.47
C PHE B 17 8.24 10.16 13.70
N GLU B 18 8.79 10.63 14.81
CA GLU B 18 10.16 10.30 15.18
C GLU B 18 10.22 8.80 15.36
N LYS B 19 9.22 8.27 16.05
CA LYS B 19 9.10 6.83 16.22
C LYS B 19 8.97 6.15 14.87
N GLN B 20 8.07 6.66 14.02
CA GLN B 20 7.85 6.05 12.69
C GLN B 20 9.12 6.03 11.85
N LEU B 21 9.83 7.14 11.88
CA LEU B 21 11.06 7.28 11.17
C LEU B 21 12.12 6.37 11.75
N LYS B 22 12.20 6.28 13.08
CA LYS B 22 13.13 5.34 13.73
C LYS B 22 13.01 3.89 13.25
N ASP B 23 11.79 3.37 13.20
CA ASP B 23 11.60 1.99 12.81
C ASP B 23 11.92 1.85 11.34
N LEU B 24 11.56 2.83 10.56
CA LEU B 24 11.86 2.74 9.16
C LEU B 24 13.37 2.62 8.89
N THR B 25 14.19 3.21 9.77
CA THR B 25 15.58 3.46 9.42
C THR B 25 16.55 2.57 10.18
N SER B 26 16.01 1.66 10.99
CA SER B 26 16.81 0.80 11.84
C SER B 26 16.84 -0.64 11.39
N ASN B 27 15.77 -1.18 10.87
CA ASN B 27 15.81 -2.57 10.48
C ASN B 27 16.09 -2.76 8.98
N VAL B 28 16.81 -1.80 8.40
CA VAL B 28 17.01 -1.68 6.94
C VAL B 28 17.38 -2.99 6.25
N LYS B 29 18.32 -3.73 6.82
CA LYS B 29 18.62 -5.06 6.33
C LYS B 29 17.39 -5.96 6.25
N SER B 30 16.69 -6.15 7.38
CA SER B 30 15.55 -7.05 7.45
C SER B 30 14.39 -6.55 6.60
N ILE B 31 14.23 -5.23 6.54
CA ILE B 31 13.15 -4.61 5.77
C ILE B 31 13.31 -4.92 4.27
N GLN B 32 14.51 -4.60 3.78
CA GLN B 32 14.87 -4.85 2.40
C GLN B 32 14.79 -6.33 2.02
N ASP B 33 15.13 -7.21 2.94
CA ASP B 33 15.12 -8.63 2.63
C ASP B 33 13.68 -9.07 2.51
N ASN B 34 12.90 -8.72 3.51
CA ASN B 34 11.49 -8.98 3.45
C ASN B 34 10.88 -8.38 2.20
N LEU B 35 11.38 -7.23 1.79
CA LEU B 35 10.82 -6.59 0.63
C LEU B 35 11.15 -7.45 -0.60
N LEU B 36 12.39 -7.90 -0.69
CA LEU B 36 12.75 -8.75 -1.80
C LEU B 36 11.89 -10.03 -1.82
N GLU B 37 11.66 -10.66 -0.67
CA GLU B 37 10.75 -11.79 -0.53
C GLU B 37 9.45 -11.53 -1.24
N GLU B 38 8.85 -10.40 -0.89
CA GLU B 38 7.51 -10.09 -1.34
C GLU B 38 7.52 -9.93 -2.85
N ILE B 39 8.63 -9.48 -3.41
CA ILE B 39 8.65 -9.14 -4.82
C ILE B 39 8.82 -10.37 -5.65
N ILE B 40 9.72 -11.25 -5.23
CA ILE B 40 10.10 -12.42 -6.03
C ILE B 40 9.08 -13.50 -5.93
N THR B 41 8.61 -13.76 -4.73
CA THR B 41 7.87 -14.98 -4.49
C THR B 41 6.70 -15.23 -5.49
N PRO B 42 5.81 -14.25 -5.69
CA PRO B 42 4.76 -14.42 -6.72
C PRO B 42 5.34 -14.42 -8.15
N ASN B 43 6.53 -13.86 -8.34
CA ASN B 43 7.01 -13.67 -9.69
C ASN B 43 7.90 -14.81 -10.24
N THR B 44 7.86 -15.96 -9.60
CA THR B 44 8.45 -17.14 -10.19
C THR B 44 7.55 -17.60 -11.34
N LYS B 45 6.32 -17.15 -11.32
CA LYS B 45 5.39 -17.48 -12.36
C LYS B 45 5.75 -16.80 -13.68
N THR B 46 6.68 -15.87 -13.68
CA THR B 46 6.83 -14.97 -14.82
C THR B 46 7.80 -15.55 -15.86
N GLU B 47 7.63 -15.19 -17.12
CA GLU B 47 8.57 -15.61 -18.13
C GLU B 47 9.95 -15.14 -17.69
N TYR B 48 10.12 -13.81 -17.52
CA TYR B 48 11.45 -13.18 -17.28
C TYR B 48 12.25 -13.79 -16.13
N LEU B 49 11.65 -13.98 -14.98
CA LEU B 49 12.34 -14.62 -13.89
C LEU B 49 12.58 -16.09 -14.12
N GLN B 50 11.70 -16.73 -14.84
CA GLN B 50 11.84 -18.15 -14.98
C GLN B 50 13.04 -18.40 -15.84
N ARG B 51 13.26 -17.53 -16.80
CA ARG B 51 14.42 -17.60 -17.70
C ARG B 51 15.69 -17.62 -16.91
N PHE B 52 15.64 -17.21 -15.67
CA PHE B 52 16.81 -17.21 -14.84
C PHE B 52 16.62 -18.10 -13.63
N LEU B 53 15.87 -19.17 -13.84
CA LEU B 53 15.79 -20.28 -12.88
C LEU B 53 15.41 -19.91 -11.42
N ILE B 54 14.69 -18.81 -11.23
CA ILE B 54 14.16 -18.52 -9.91
C ILE B 54 12.85 -19.35 -9.73
N ASP B 55 12.97 -20.53 -9.08
CA ASP B 55 11.82 -21.42 -8.86
C ASP B 55 11.30 -21.37 -7.42
N ARG B 56 12.15 -20.93 -6.50
CA ARG B 56 11.81 -20.66 -5.09
C ARG B 56 12.53 -19.37 -4.64
N PHE B 57 12.04 -18.73 -3.58
CA PHE B 57 12.72 -17.52 -3.09
C PHE B 57 14.07 -17.79 -2.43
N ASP B 58 15.11 -17.23 -2.99
CA ASP B 58 16.38 -17.29 -2.32
C ASP B 58 17.11 -16.01 -2.67
N LYS B 59 17.65 -15.35 -1.65
CA LYS B 59 18.32 -14.08 -1.83
C LYS B 59 19.57 -14.29 -2.66
N GLU B 60 20.36 -15.30 -2.31
CA GLU B 60 21.69 -15.41 -2.90
C GLU B 60 21.63 -15.94 -4.31
N LEU B 61 20.59 -16.74 -4.55
CA LEU B 61 20.28 -17.31 -5.86
C LEU B 61 19.83 -16.23 -6.84
N PHE B 62 19.03 -15.29 -6.35
CA PHE B 62 18.57 -14.13 -7.13
C PHE B 62 19.77 -13.25 -7.50
N LYS B 63 20.69 -13.07 -6.56
CA LYS B 63 21.86 -12.21 -6.78
C LYS B 63 22.83 -12.85 -7.72
N LYS B 64 22.91 -14.17 -7.70
CA LYS B 64 23.75 -14.88 -8.61
C LYS B 64 23.13 -14.92 -9.98
N ASN B 65 21.84 -15.24 -10.02
CA ASN B 65 21.19 -15.58 -11.28
C ASN B 65 20.61 -14.48 -12.17
N VAL B 66 20.04 -13.45 -11.56
CA VAL B 66 19.32 -12.41 -12.27
C VAL B 66 20.27 -11.33 -12.72
N PRO B 67 20.38 -11.12 -14.03
CA PRO B 67 21.36 -10.16 -14.51
C PRO B 67 21.03 -8.74 -14.09
N ILE B 68 22.06 -7.90 -14.03
CA ILE B 68 21.93 -6.46 -13.86
C ILE B 68 21.87 -5.83 -15.26
N VAL B 69 20.84 -5.03 -15.50
CA VAL B 69 20.42 -4.68 -16.84
C VAL B 69 20.26 -3.19 -17.00
N SER B 70 20.05 -2.78 -18.24
CA SER B 70 19.67 -1.42 -18.58
C SER B 70 18.30 -1.50 -19.24
N TYR B 71 17.66 -0.33 -19.47
CA TYR B 71 16.35 -0.27 -20.12
C TYR B 71 16.32 -1.07 -21.45
N GLU B 72 17.38 -0.95 -22.23
CA GLU B 72 17.49 -1.54 -23.54
C GLU B 72 17.58 -3.06 -23.46
N ASP B 73 18.20 -3.56 -22.39
CA ASP B 73 18.29 -5.00 -22.21
C ASP B 73 16.95 -5.69 -22.01
N ILE B 74 15.98 -4.95 -21.50
CA ILE B 74 14.67 -5.50 -21.19
C ILE B 74 13.55 -4.87 -22.00
N LYS B 75 13.84 -3.91 -22.83
CA LYS B 75 12.80 -3.26 -23.59
C LYS B 75 12.00 -4.24 -24.46
N PRO B 76 12.67 -5.19 -25.11
CA PRO B 76 11.90 -6.17 -25.87
C PRO B 76 10.75 -6.74 -25.06
N TYR B 77 11.02 -6.96 -23.77
CA TYR B 77 10.02 -7.47 -22.85
C TYR B 77 8.92 -6.45 -22.59
N LEU B 78 9.32 -5.19 -22.32
CA LEU B 78 8.34 -4.11 -22.07
C LEU B 78 7.48 -3.79 -23.29
N ASP B 79 8.09 -3.71 -24.47
CA ASP B 79 7.31 -3.64 -25.71
C ASP B 79 6.23 -4.72 -25.75
N ARG B 80 6.55 -5.97 -25.44
CA ARG B 80 5.58 -7.03 -25.63
C ARG B 80 4.38 -6.77 -24.78
N VAL B 81 4.61 -6.20 -23.60
CA VAL B 81 3.51 -5.89 -22.69
C VAL B 81 2.76 -4.61 -23.13
N VAL B 82 3.50 -3.62 -23.58
CA VAL B 82 2.91 -2.46 -24.20
C VAL B 82 2.02 -2.89 -25.37
N ASN B 83 2.42 -3.94 -26.07
CA ASN B 83 1.73 -4.33 -27.28
C ASN B 83 0.58 -5.28 -27.03
N GLY B 84 0.47 -5.77 -25.79
CA GLY B 84 -0.73 -6.41 -25.30
C GLY B 84 -0.60 -7.82 -24.77
N GLU B 85 0.61 -8.34 -24.67
CA GLU B 85 0.79 -9.64 -24.05
C GLU B 85 0.49 -9.58 -22.55
N SER B 86 0.31 -10.72 -21.91
CA SER B 86 -0.09 -10.67 -20.52
C SER B 86 1.03 -10.06 -19.69
N SER B 87 0.66 -9.41 -18.58
CA SER B 87 1.64 -8.71 -17.75
C SER B 87 2.58 -9.72 -17.10
N ASP B 88 2.20 -10.99 -17.15
CA ASP B 88 2.96 -12.05 -16.49
C ASP B 88 4.26 -12.42 -17.22
N VAL B 89 4.56 -11.83 -18.38
CA VAL B 89 5.89 -12.05 -18.95
C VAL B 89 6.91 -11.33 -18.07
N ILE B 90 6.51 -10.30 -17.33
CA ILE B 90 7.40 -9.68 -16.34
C ILE B 90 6.84 -9.59 -14.89
N SER B 91 5.52 -9.61 -14.70
CA SER B 91 4.96 -9.36 -13.37
C SER B 91 3.72 -10.14 -13.00
N ALA B 92 3.73 -10.81 -11.86
CA ALA B 92 2.57 -11.58 -11.45
C ALA B 92 1.52 -10.65 -10.93
N ARG B 93 1.95 -9.44 -10.55
CA ARG B 93 1.08 -8.31 -10.22
C ARG B 93 0.73 -7.49 -11.47
N THR B 94 -0.56 -7.30 -11.68
CA THR B 94 -1.06 -6.78 -12.92
C THR B 94 -0.47 -5.43 -13.26
N ILE B 95 -0.11 -5.27 -14.52
CA ILE B 95 0.37 -4.00 -15.01
C ILE B 95 -0.79 -3.24 -15.62
N THR B 96 -1.25 -2.26 -14.88
CA THR B 96 -2.42 -1.51 -15.22
C THR B 96 -2.16 -0.18 -15.96
N GLY B 97 -0.90 0.07 -16.33
CA GLY B 97 -0.53 1.29 -17.02
C GLY B 97 0.96 1.41 -17.16
N PHE B 98 1.42 2.49 -17.78
CA PHE B 98 2.85 2.67 -17.97
C PHE B 98 3.29 4.08 -17.58
N LEU B 99 4.58 4.23 -17.22
CA LEU B 99 5.16 5.55 -16.94
C LEU B 99 6.01 6.06 -18.10
N LEU B 100 5.68 7.25 -18.60
CA LEU B 100 6.50 7.94 -19.58
C LEU B 100 7.73 8.57 -18.92
N SER B 101 8.76 8.90 -19.72
CA SER B 101 9.98 9.47 -19.15
C SER B 101 10.76 10.32 -20.14
N SER B 102 10.74 11.66 -20.05
CA SER B 102 10.01 12.48 -19.05
C SER B 102 10.55 12.37 -17.61
N ALA B 108 13.82 7.71 -28.70
CA ALA B 108 12.45 8.18 -28.48
C ALA B 108 12.11 8.17 -26.98
N GLN B 109 10.89 7.76 -26.64
CA GLN B 109 10.43 7.76 -25.24
C GLN B 109 10.48 6.36 -24.63
N LYS B 110 10.50 6.30 -23.31
CA LYS B 110 10.47 5.04 -22.60
C LYS B 110 9.12 4.83 -22.01
N MET B 111 8.84 3.59 -21.68
CA MET B 111 7.66 3.25 -20.92
C MET B 111 8.08 2.21 -19.88
N MET B 112 8.03 2.62 -18.62
CA MET B 112 8.21 1.74 -17.51
C MET B 112 6.85 1.20 -17.08
N PRO B 113 6.82 -0.05 -16.68
CA PRO B 113 5.52 -0.61 -16.31
C PRO B 113 5.07 -0.07 -14.94
N TRP B 114 3.78 -0.09 -14.66
CA TRP B 114 3.23 0.63 -13.50
C TRP B 114 1.99 -0.05 -12.97
N ASN B 115 1.86 -0.13 -11.67
CA ASN B 115 0.62 -0.56 -11.05
C ASN B 115 0.41 0.26 -9.79
N ASN B 116 -0.62 -0.07 -9.03
CA ASN B 116 -1.04 0.81 -7.95
C ASN B 116 -0.01 0.88 -6.83
N LYS B 117 1.01 0.06 -6.88
CA LYS B 117 1.91 0.02 -5.76
C LYS B 117 2.86 1.19 -5.83
N TYR B 118 3.00 1.77 -7.02
CA TYR B 118 3.76 2.99 -7.21
C TYR B 118 3.11 4.12 -6.43
N LEU B 119 1.77 4.11 -6.43
CA LEU B 119 0.95 5.11 -5.74
C LEU B 119 0.93 4.90 -4.25
N ASP B 120 0.92 3.63 -3.82
CA ASP B 120 1.09 3.26 -2.42
C ASP B 120 2.39 3.88 -1.92
N ASN B 121 3.46 3.62 -2.65
CA ASN B 121 4.72 4.21 -2.34
C ASN B 121 4.71 5.72 -2.39
N LEU B 122 4.21 6.27 -3.49
CA LEU B 122 4.22 7.71 -3.66
C LEU B 122 3.50 8.39 -2.51
N THR B 123 2.28 7.93 -2.24
CA THR B 123 1.50 8.53 -1.17
C THR B 123 2.17 8.39 0.21
N PHE B 124 2.90 7.31 0.41
CA PHE B 124 3.69 7.13 1.62
C PHE B 124 4.74 8.25 1.76
N ILE B 125 5.38 8.61 0.67
CA ILE B 125 6.41 9.60 0.72
C ILE B 125 5.77 10.98 0.84
N TYR B 126 4.63 11.20 0.17
CA TYR B 126 3.86 12.40 0.40
C TYR B 126 3.51 12.54 1.91
N ASP B 127 2.93 11.52 2.52
CA ASP B 127 2.57 11.60 3.93
CA ASP B 127 2.57 11.58 3.93
C ASP B 127 3.81 11.71 4.82
N LEU B 128 4.93 11.18 4.34
CA LEU B 128 6.15 11.24 5.13
C LEU B 128 6.77 12.64 5.07
N ARG B 129 7.01 13.17 3.89
CA ARG B 129 7.63 14.48 3.80
C ARG B 129 6.72 15.59 4.38
N MET B 130 5.39 15.42 4.32
CA MET B 130 4.46 16.27 5.08
C MET B 130 4.93 16.44 6.53
N GLN B 131 5.08 15.33 7.23
CA GLN B 131 5.48 15.35 8.62
C GLN B 131 6.86 15.95 8.80
N VAL B 132 7.78 15.67 7.89
CA VAL B 132 9.12 16.29 7.92
C VAL B 132 9.02 17.82 7.89
N ILE B 133 8.21 18.32 6.96
CA ILE B 133 8.01 19.74 6.72
C ILE B 133 7.41 20.57 7.87
N THR B 134 6.34 20.10 8.52
CA THR B 134 5.78 20.85 9.63
CA THR B 134 5.79 20.85 9.64
C THR B 134 6.72 20.81 10.85
N LYS B 135 7.58 19.82 10.91
CA LYS B 135 8.52 19.69 12.02
C LYS B 135 9.51 20.82 11.97
N HIS B 136 9.70 21.40 10.78
CA HIS B 136 10.83 22.29 10.53
C HIS B 136 10.36 23.68 10.05
N VAL B 137 9.14 23.79 9.55
CA VAL B 137 8.66 25.03 8.97
C VAL B 137 7.39 25.40 9.70
N LYS B 138 7.31 26.66 10.10
CA LYS B 138 6.37 27.04 11.12
C LYS B 138 5.20 27.79 10.50
N GLY B 139 4.02 27.48 10.98
CA GLY B 139 2.83 28.19 10.56
C GLY B 139 2.45 27.73 9.19
N VAL B 140 3.02 26.60 8.78
CA VAL B 140 2.72 26.07 7.47
C VAL B 140 1.34 25.34 7.46
N GLU B 141 0.87 24.90 8.63
CA GLU B 141 -0.42 24.21 8.71
C GLU B 141 -1.59 25.19 8.69
N GLU B 142 -1.27 26.48 8.58
CA GLU B 142 -2.25 27.52 8.82
C GLU B 142 -2.63 28.23 7.50
N GLY B 143 -2.47 27.53 6.39
CA GLY B 143 -2.79 28.11 5.09
C GLY B 143 -2.88 27.12 3.92
N LYS B 144 -2.90 27.64 2.70
CA LYS B 144 -2.92 26.76 1.54
C LYS B 144 -1.60 26.84 0.74
N GLY B 145 -1.41 25.78 -0.09
CA GLY B 145 -0.33 25.75 -1.05
C GLY B 145 -0.81 26.27 -2.39
N MET B 146 -0.07 27.23 -2.94
CA MET B 146 -0.19 27.57 -4.35
C MET B 146 0.78 26.69 -5.11
N MET B 147 0.37 25.43 -5.32
CA MET B 147 1.23 24.44 -5.95
C MET B 147 0.92 24.38 -7.44
N PHE B 148 1.96 24.59 -8.25
CA PHE B 148 1.83 24.52 -9.70
C PHE B 148 1.98 23.07 -10.11
N LEU B 149 0.92 22.31 -9.86
CA LEU B 149 0.81 20.91 -10.21
C LEU B 149 0.13 20.71 -11.57
N PHE B 150 0.67 19.83 -12.41
CA PHE B 150 0.17 19.68 -13.80
C PHE B 150 -0.24 18.24 -14.21
N THR B 151 -1.36 18.15 -14.90
CA THR B 151 -1.82 16.89 -15.50
C THR B 151 -1.56 16.85 -17.04
N LYS B 152 -1.04 15.74 -17.56
CA LYS B 152 -0.85 15.59 -19.03
C LYS B 152 -1.47 14.34 -19.54
N GLN B 153 -2.00 14.44 -20.74
CA GLN B 153 -2.90 13.42 -21.23
C GLN B 153 -2.17 12.08 -21.43
N GLU B 154 -2.92 11.00 -21.18
CA GLU B 154 -2.39 9.69 -21.37
C GLU B 154 -2.12 9.45 -22.86
N SER B 155 -0.99 8.82 -23.18
CA SER B 155 -0.81 8.18 -24.47
C SER B 155 -1.37 6.80 -24.34
N MET B 156 -2.29 6.40 -25.22
CA MET B 156 -2.79 5.01 -25.19
C MET B 156 -1.85 4.00 -25.91
N THR B 157 -2.03 2.73 -25.61
CA THR B 157 -1.12 1.66 -26.03
C THR B 157 -2.01 0.61 -26.69
N PRO B 158 -1.44 -0.13 -27.63
CA PRO B 158 -2.14 -1.28 -28.21
C PRO B 158 -2.70 -2.28 -27.14
N SER B 159 -2.12 -2.28 -25.96
CA SER B 159 -2.71 -2.98 -24.84
C SER B 159 -4.06 -2.38 -24.44
N GLY B 160 -4.23 -1.07 -24.58
CA GLY B 160 -5.41 -0.41 -24.03
C GLY B 160 -5.16 0.12 -22.63
N LEU B 161 -3.89 0.11 -22.25
CA LEU B 161 -3.45 0.74 -21.03
C LEU B 161 -2.98 2.17 -21.32
N PRO B 162 -3.21 3.06 -20.35
CA PRO B 162 -2.70 4.43 -20.49
C PRO B 162 -1.21 4.52 -20.15
N ALA B 163 -0.52 5.42 -20.82
CA ALA B 163 0.84 5.73 -20.50
C ALA B 163 0.84 7.21 -20.05
N ARG B 164 1.11 7.43 -18.75
CA ARG B 164 1.08 8.77 -18.17
C ARG B 164 2.44 9.04 -17.59
N VAL B 165 2.77 10.31 -17.33
CA VAL B 165 3.87 10.68 -16.44
C VAL B 165 3.53 10.37 -14.95
N ALA B 166 4.55 10.27 -14.10
CA ALA B 166 4.35 9.82 -12.71
C ALA B 166 3.32 10.65 -11.93
N THR B 167 3.37 11.97 -12.00
CA THR B 167 2.50 12.76 -11.15
C THR B 167 1.09 12.70 -11.71
N SER B 168 0.96 12.47 -13.02
CA SER B 168 -0.34 12.38 -13.70
C SER B 168 -1.03 11.03 -13.42
N SER B 169 -0.22 9.98 -13.24
CA SER B 169 -0.72 8.72 -12.77
C SER B 169 -1.32 8.86 -11.35
N TYR B 170 -0.77 9.80 -10.59
CA TYR B 170 -1.29 10.14 -9.27
C TYR B 170 -2.56 11.04 -9.32
N PHE B 171 -2.52 12.16 -10.08
CA PHE B 171 -3.69 13.07 -10.16
C PHE B 171 -4.91 12.32 -10.68
N LYS B 172 -4.74 11.60 -11.76
CA LYS B 172 -5.86 10.88 -12.32
C LYS B 172 -6.08 9.56 -11.62
N SER B 173 -6.28 9.61 -10.31
CA SER B 173 -6.58 8.42 -9.51
C SER B 173 -7.20 8.87 -8.18
N ASP B 174 -7.80 7.93 -7.45
CA ASP B 174 -8.43 8.25 -6.18
C ASP B 174 -7.44 8.51 -5.08
N TYR B 175 -6.19 8.18 -5.34
CA TYR B 175 -5.14 8.56 -4.41
C TYR B 175 -5.10 10.05 -4.35
N PHE B 176 -5.33 10.69 -5.48
CA PHE B 176 -5.43 12.15 -5.50
C PHE B 176 -6.82 12.63 -5.08
N LYS B 177 -7.91 12.11 -5.63
CA LYS B 177 -9.16 12.77 -5.33
C LYS B 177 -9.79 12.46 -4.00
N ASN B 178 -9.37 11.36 -3.36
CA ASN B 178 -9.75 11.05 -1.98
C ASN B 178 -8.58 11.19 -1.04
N ARG B 179 -7.63 12.05 -1.43
CA ARG B 179 -6.44 12.30 -0.63
C ARG B 179 -6.83 12.90 0.74
N PRO B 180 -5.92 12.86 1.72
CA PRO B 180 -6.27 13.34 3.08
C PRO B 180 -6.68 14.79 3.08
N SER B 181 -7.45 15.20 4.10
CA SER B 181 -8.07 16.52 4.13
C SER B 181 -7.38 17.44 5.14
N ASN B 182 -6.23 17.96 4.74
CA ASN B 182 -5.38 18.75 5.60
C ASN B 182 -4.41 19.70 4.83
N TRP B 183 -3.80 20.61 5.59
CA TRP B 183 -3.03 21.74 5.10
C TRP B 183 -2.13 21.37 3.93
N TYR B 184 -1.42 20.26 4.10
CA TYR B 184 -0.51 19.81 3.10
C TYR B 184 -1.27 19.52 1.78
N TYR B 185 -2.41 18.84 1.84
CA TYR B 185 -3.09 18.46 0.64
C TYR B 185 -4.08 19.52 0.17
N SER B 186 -3.94 20.75 0.66
CA SER B 186 -4.89 21.81 0.36
CA SER B 186 -4.90 21.81 0.37
C SER B 186 -4.28 22.92 -0.51
N TYR B 187 -4.87 23.12 -1.68
CA TYR B 187 -4.36 24.11 -2.60
C TYR B 187 -5.32 25.25 -2.88
N THR B 188 -4.78 26.32 -3.44
CA THR B 188 -5.60 27.46 -3.86
C THR B 188 -6.25 27.15 -5.21
N SER B 189 -5.83 26.08 -5.88
CA SER B 189 -6.46 25.74 -7.14
C SER B 189 -7.56 24.65 -6.99
N PRO B 190 -8.67 24.83 -7.72
CA PRO B 190 -9.62 23.73 -7.64
C PRO B 190 -9.07 22.52 -8.34
N ASP B 191 -9.43 21.35 -7.85
CA ASP B 191 -8.96 20.09 -8.44
C ASP B 191 -9.10 20.02 -9.96
N GLU B 192 -10.12 20.72 -10.47
CA GLU B 192 -10.43 20.91 -11.91
C GLU B 192 -9.35 21.65 -12.68
N VAL B 193 -8.71 22.60 -12.01
CA VAL B 193 -7.58 23.32 -12.54
C VAL B 193 -6.37 22.37 -12.62
N ILE B 194 -6.04 21.68 -11.51
CA ILE B 194 -4.92 20.72 -11.53
C ILE B 194 -5.01 19.63 -12.63
N LEU B 195 -6.21 19.09 -12.80
CA LEU B 195 -6.45 18.03 -13.79
C LEU B 195 -6.51 18.45 -15.29
N CYS B 196 -6.50 19.75 -15.54
CA CYS B 196 -6.61 20.27 -16.89
C CYS B 196 -5.44 19.93 -17.80
N PRO B 197 -5.72 19.23 -18.90
CA PRO B 197 -4.61 18.75 -19.71
C PRO B 197 -3.86 19.83 -20.46
N ASN B 198 -4.53 20.94 -20.72
CA ASN B 198 -3.90 22.12 -21.28
C ASN B 198 -3.20 22.97 -20.19
N ASN B 199 -1.87 22.88 -20.12
CA ASN B 199 -1.11 23.55 -19.05
C ASN B 199 -0.86 25.01 -19.26
N THR B 200 -1.13 25.49 -20.47
CA THR B 200 -1.23 26.92 -20.66
C THR B 200 -2.44 27.42 -19.85
N GLU B 201 -3.61 26.87 -20.11
CA GLU B 201 -4.81 27.26 -19.38
C GLU B 201 -4.62 27.09 -17.89
N SER B 202 -4.15 25.93 -17.47
CA SER B 202 -4.10 25.64 -16.06
C SER B 202 -3.09 26.56 -15.34
N LEU B 203 -1.93 26.84 -15.93
CA LEU B 203 -0.96 27.74 -15.29
C LEU B 203 -1.51 29.16 -15.10
N TYR B 204 -2.19 29.68 -16.12
CA TYR B 204 -2.95 30.92 -15.93
C TYR B 204 -3.89 30.82 -14.70
N CYS B 205 -4.83 29.89 -14.73
CA CYS B 205 -5.75 29.68 -13.63
C CYS B 205 -5.13 29.41 -12.23
N HIS B 206 -4.04 28.64 -12.17
CA HIS B 206 -3.25 28.55 -10.96
C HIS B 206 -2.91 29.95 -10.38
N LEU B 207 -2.31 30.77 -11.22
CA LEU B 207 -1.93 32.09 -10.78
C LEU B 207 -3.17 32.92 -10.43
N LEU B 208 -4.28 32.71 -11.14
CA LEU B 208 -5.48 33.51 -10.91
C LEU B 208 -6.09 33.16 -9.54
N CYS B 209 -6.22 31.86 -9.28
CA CYS B 209 -6.75 31.38 -8.02
C CYS B 209 -5.81 31.69 -6.82
N GLY B 210 -4.51 31.64 -7.07
CA GLY B 210 -3.50 31.97 -6.06
C GLY B 210 -3.44 33.44 -5.72
N LEU B 211 -3.63 34.32 -6.71
CA LEU B 211 -3.78 35.78 -6.49
C LEU B 211 -5.05 36.15 -5.75
N VAL B 212 -6.17 35.53 -6.13
CA VAL B 212 -7.41 35.85 -5.47
C VAL B 212 -7.35 35.50 -3.99
N GLN B 213 -6.70 34.36 -3.69
CA GLN B 213 -6.55 33.88 -2.30
C GLN B 213 -5.14 34.08 -1.76
N ARG B 214 -4.52 35.19 -2.16
CA ARG B 214 -3.11 35.41 -1.91
C ARG B 214 -2.73 35.40 -0.42
N ASP B 215 -3.62 35.85 0.44
CA ASP B 215 -3.26 35.94 1.86
C ASP B 215 -3.11 34.59 2.49
N GLU B 216 -3.80 33.61 1.92
CA GLU B 216 -3.88 32.32 2.52
C GLU B 216 -2.65 31.49 2.17
N VAL B 217 -1.83 32.01 1.26
CA VAL B 217 -0.75 31.24 0.65
C VAL B 217 0.44 31.24 1.57
N VAL B 218 0.67 30.08 2.21
CA VAL B 218 1.75 29.94 3.19
C VAL B 218 2.93 29.15 2.67
N ARG B 219 2.80 28.62 1.46
CA ARG B 219 3.85 27.92 0.71
C ARG B 219 3.48 27.82 -0.79
N THR B 220 4.48 27.77 -1.65
CA THR B 220 4.29 27.63 -3.10
C THR B 220 5.37 26.66 -3.62
N GLY B 221 5.33 26.30 -4.89
CA GLY B 221 6.28 25.32 -5.40
C GLY B 221 5.79 24.43 -6.52
N SER B 222 6.67 23.56 -6.99
CA SER B 222 6.34 22.62 -8.06
C SER B 222 7.30 21.49 -7.95
N ILE B 223 7.15 20.47 -8.78
CA ILE B 223 8.06 19.33 -8.70
C ILE B 223 9.50 19.79 -8.94
N PHE B 224 9.78 20.32 -10.13
CA PHE B 224 11.11 20.78 -10.49
C PHE B 224 11.15 22.33 -10.62
N ALA B 225 12.31 22.90 -10.27
CA ALA B 225 12.46 24.32 -10.10
C ALA B 225 12.27 25.11 -11.37
N SER B 226 12.41 24.44 -12.52
CA SER B 226 12.30 25.13 -13.81
C SER B 226 10.86 25.59 -14.05
N VAL B 227 9.90 24.71 -13.80
CA VAL B 227 8.51 25.04 -13.86
C VAL B 227 8.15 26.13 -12.86
N MET B 228 8.88 26.20 -11.76
CA MET B 228 8.58 27.23 -10.78
C MET B 228 8.91 28.55 -11.41
N VAL B 229 10.07 28.63 -12.05
CA VAL B 229 10.50 29.85 -12.69
C VAL B 229 9.60 30.17 -13.88
N ARG B 230 9.14 29.13 -14.58
CA ARG B 230 8.21 29.28 -15.69
C ARG B 230 6.92 29.90 -15.22
N ALA B 231 6.49 29.56 -14.00
CA ALA B 231 5.35 30.21 -13.40
C ALA B 231 5.60 31.70 -13.18
N ILE B 232 6.76 32.04 -12.67
CA ILE B 232 7.06 33.41 -12.40
C ILE B 232 7.16 34.24 -13.68
N GLU B 233 7.68 33.67 -14.78
CA GLU B 233 7.72 34.45 -16.02
C GLU B 233 6.36 34.67 -16.65
N VAL B 234 5.52 33.64 -16.63
CA VAL B 234 4.14 33.80 -17.07
C VAL B 234 3.37 34.83 -16.24
N LEU B 235 3.67 34.88 -14.94
CA LEU B 235 3.12 35.89 -14.05
C LEU B 235 3.58 37.28 -14.49
N LYS B 236 4.84 37.43 -14.86
CA LYS B 236 5.33 38.71 -15.30
C LYS B 236 4.78 39.16 -16.66
N ASN B 237 4.39 38.19 -17.52
CA ASN B 237 3.82 38.48 -18.85
C ASN B 237 2.29 38.49 -18.89
N SER B 238 1.65 38.17 -17.75
CA SER B 238 0.21 38.03 -17.70
C SER B 238 -0.49 38.71 -16.49
N TRP B 239 0.19 39.58 -15.75
CA TRP B 239 -0.41 40.06 -14.54
C TRP B 239 -1.51 41.06 -14.86
N GLU B 240 -1.23 41.96 -15.79
CA GLU B 240 -2.24 42.91 -16.24
C GLU B 240 -3.56 42.19 -16.57
N GLU B 241 -3.44 41.03 -17.20
CA GLU B 241 -4.61 40.26 -17.61
C GLU B 241 -5.26 39.61 -16.41
N LEU B 242 -4.42 39.05 -15.54
CA LEU B 242 -4.90 38.33 -14.37
C LEU B 242 -5.72 39.27 -13.48
N CYS B 243 -5.24 40.52 -13.39
CA CYS B 243 -5.87 41.51 -12.53
C CYS B 243 -7.12 42.03 -13.13
N SER B 244 -7.20 42.07 -14.45
CA SER B 244 -8.46 42.43 -15.12
C SER B 244 -9.56 41.37 -14.89
N ASN B 245 -9.16 40.11 -14.74
CA ASN B 245 -10.11 39.06 -14.46
C ASN B 245 -10.57 39.22 -13.03
N ILE B 246 -9.61 39.65 -12.19
CA ILE B 246 -9.92 39.86 -10.78
C ILE B 246 -10.85 41.03 -10.70
N ARG B 247 -10.62 42.06 -11.49
CA ARG B 247 -11.44 43.25 -11.44
C ARG B 247 -12.89 42.97 -11.90
N SER B 248 -13.05 42.25 -13.01
CA SER B 248 -14.38 41.97 -13.57
C SER B 248 -15.10 40.79 -12.92
N GLY B 249 -14.33 39.87 -12.34
CA GLY B 249 -14.87 38.67 -11.75
C GLY B 249 -15.15 37.59 -12.78
N HIS B 250 -14.66 37.80 -13.98
CA HIS B 250 -14.82 36.84 -15.07
C HIS B 250 -13.47 36.39 -15.55
N LEU B 251 -13.36 35.08 -15.71
CA LEU B 251 -12.22 34.47 -16.38
C LEU B 251 -12.17 34.89 -17.87
N SER B 252 -10.96 35.10 -18.40
CA SER B 252 -10.78 35.41 -19.81
C SER B 252 -11.41 34.36 -20.64
N ASN B 253 -11.88 34.74 -21.83
CA ASN B 253 -12.70 33.81 -22.63
C ASN B 253 -11.84 32.66 -23.18
N TRP B 254 -10.54 32.91 -23.33
CA TRP B 254 -9.75 32.01 -24.11
C TRP B 254 -9.49 30.72 -23.43
N VAL B 255 -9.75 30.67 -22.14
CA VAL B 255 -9.61 29.44 -21.36
C VAL B 255 -10.81 28.61 -21.65
N THR B 256 -10.58 27.50 -22.34
CA THR B 256 -11.64 26.72 -22.91
C THR B 256 -12.03 25.57 -22.00
N ASP B 257 -11.07 25.04 -21.23
CA ASP B 257 -11.37 23.90 -20.41
C ASP B 257 -12.60 24.21 -19.55
N LEU B 258 -13.57 23.31 -19.61
CA LEU B 258 -14.83 23.52 -18.96
C LEU B 258 -14.77 23.51 -17.41
N GLY B 259 -13.94 22.62 -16.84
CA GLY B 259 -13.79 22.56 -15.38
C GLY B 259 -13.21 23.84 -14.86
N CYS B 260 -12.17 24.31 -15.56
CA CYS B 260 -11.52 25.58 -15.25
C CYS B 260 -12.54 26.73 -15.25
N GLN B 261 -13.38 26.76 -16.28
CA GLN B 261 -14.41 27.77 -16.33
C GLN B 261 -15.31 27.74 -15.09
N ASN B 262 -15.90 26.60 -14.79
CA ASN B 262 -16.81 26.47 -13.64
C ASN B 262 -16.15 26.70 -12.31
N SER B 263 -14.99 26.12 -12.10
CA SER B 263 -14.38 26.13 -10.78
C SER B 263 -13.74 27.48 -10.48
N VAL B 264 -13.14 28.10 -11.49
CA VAL B 264 -12.42 29.33 -11.26
C VAL B 264 -13.42 30.44 -11.14
N SER B 265 -14.59 30.23 -11.74
CA SER B 265 -15.64 31.22 -11.66
CA SER B 265 -15.65 31.22 -11.66
C SER B 265 -16.07 31.40 -10.21
N LEU B 266 -16.15 30.29 -9.48
CA LEU B 266 -16.56 30.36 -8.10
C LEU B 266 -15.50 31.02 -7.27
N VAL B 267 -14.24 30.67 -7.52
CA VAL B 267 -13.10 31.32 -6.87
C VAL B 267 -13.16 32.83 -7.04
N LEU B 268 -13.51 33.31 -8.20
CA LEU B 268 -13.65 34.75 -8.38
C LEU B 268 -14.86 35.29 -7.58
N GLY B 269 -16.01 34.66 -7.72
CA GLY B 269 -17.20 35.02 -6.99
C GLY B 269 -17.86 36.23 -7.61
N GLY B 270 -17.06 37.28 -7.76
CA GLY B 270 -17.57 38.53 -8.28
C GLY B 270 -16.49 39.57 -8.38
N PRO B 271 -16.86 40.79 -8.76
CA PRO B 271 -15.86 41.83 -9.02
C PRO B 271 -15.05 42.20 -7.80
N ARG B 272 -13.74 42.35 -7.96
CA ARG B 272 -12.85 42.65 -6.85
C ARG B 272 -11.87 43.74 -7.23
N PRO B 273 -12.40 44.93 -7.55
CA PRO B 273 -11.55 46.02 -8.03
C PRO B 273 -10.58 46.49 -6.98
N GLU B 274 -10.92 46.31 -5.71
CA GLU B 274 -10.05 46.77 -4.64
C GLU B 274 -8.81 45.88 -4.63
N LEU B 275 -9.04 44.59 -4.78
CA LEU B 275 -7.96 43.65 -4.72
C LEU B 275 -7.15 43.81 -5.96
N ALA B 276 -7.83 43.93 -7.13
CA ALA B 276 -7.16 44.24 -8.41
C ALA B 276 -6.18 45.44 -8.29
N ASP B 277 -6.70 46.54 -7.75
CA ASP B 277 -5.89 47.74 -7.51
C ASP B 277 -4.64 47.39 -6.67
N THR B 278 -4.84 46.49 -5.67
CA THR B 278 -3.80 46.14 -4.69
C THR B 278 -2.70 45.35 -5.38
N ILE B 279 -3.13 44.44 -6.25
CA ILE B 279 -2.20 43.55 -6.93
C ILE B 279 -1.45 44.33 -8.03
N GLU B 280 -2.17 45.02 -8.91
CA GLU B 280 -1.54 45.95 -9.83
C GLU B 280 -0.50 46.87 -9.15
N GLU B 281 -0.79 47.43 -7.97
CA GLU B 281 0.20 48.29 -7.31
C GLU B 281 1.51 47.57 -7.07
N ILE B 282 1.44 46.30 -6.66
CA ILE B 282 2.63 45.48 -6.44
C ILE B 282 3.35 45.19 -7.78
N CYS B 283 2.63 44.85 -8.82
CA CYS B 283 3.28 44.35 -10.00
C CYS B 283 3.92 45.49 -10.71
N ASN B 284 3.24 46.61 -10.71
CA ASN B 284 3.66 47.79 -11.42
C ASN B 284 4.87 48.50 -10.80
N GLN B 285 6.00 47.83 -10.78
CA GLN B 285 7.10 48.23 -9.94
C GLN B 285 8.38 48.06 -10.72
N ASN B 286 9.41 48.78 -10.32
CA ASN B 286 10.69 48.83 -11.05
C ASN B 286 11.15 47.42 -11.38
N SER B 287 11.52 46.70 -10.31
CA SER B 287 12.16 45.42 -10.40
C SER B 287 11.25 44.33 -9.87
N TRP B 288 11.46 43.11 -10.36
CA TRP B 288 10.65 41.97 -10.00
C TRP B 288 11.18 41.37 -8.71
N LYS B 289 12.28 41.93 -8.23
CA LYS B 289 12.88 41.51 -6.97
C LYS B 289 11.86 41.28 -5.86
N GLY B 290 11.90 40.10 -5.27
CA GLY B 290 11.01 39.69 -4.21
C GLY B 290 9.54 39.68 -4.62
N ILE B 291 9.21 39.39 -5.88
CA ILE B 291 7.84 39.57 -6.34
C ILE B 291 6.91 38.53 -5.75
N VAL B 292 7.42 37.34 -5.48
CA VAL B 292 6.60 36.26 -4.90
C VAL B 292 6.27 36.57 -3.43
N LYS B 293 7.26 37.03 -2.69
CA LYS B 293 7.12 37.42 -1.31
C LYS B 293 6.18 38.61 -1.16
N ARG B 294 6.12 39.46 -2.17
CA ARG B 294 5.31 40.66 -2.09
C ARG B 294 3.84 40.34 -2.39
N LEU B 295 3.61 39.50 -3.40
CA LEU B 295 2.27 39.09 -3.75
C LEU B 295 1.80 38.07 -2.74
N TRP B 296 2.74 37.29 -2.18
CA TRP B 296 2.40 36.26 -1.20
C TRP B 296 3.21 36.36 0.08
N PRO B 297 2.84 37.33 0.91
CA PRO B 297 3.74 37.69 2.01
C PRO B 297 3.72 36.71 3.16
N ASN B 298 2.86 35.71 3.07
CA ASN B 298 2.81 34.64 4.07
C ASN B 298 3.56 33.36 3.72
N THR B 299 4.25 33.37 2.58
CA THR B 299 4.94 32.22 2.09
C THR B 299 6.10 31.93 3.04
N LYS B 300 6.20 30.68 3.52
CA LYS B 300 7.26 30.23 4.43
C LYS B 300 8.43 29.57 3.74
N TYR B 301 8.17 28.97 2.57
CA TYR B 301 9.22 28.37 1.74
C TYR B 301 8.70 28.04 0.31
N ILE B 302 9.64 27.82 -0.59
CA ILE B 302 9.36 27.31 -1.93
C ILE B 302 9.60 25.80 -1.89
N GLU B 303 8.58 25.02 -2.23
CA GLU B 303 8.73 23.55 -2.27
C GLU B 303 8.99 23.11 -3.69
N THR B 304 10.26 23.00 -4.04
CA THR B 304 10.66 22.57 -5.37
C THR B 304 12.06 22.01 -5.29
N VAL B 305 12.32 20.96 -6.05
CA VAL B 305 13.65 20.37 -6.22
C VAL B 305 14.67 21.37 -6.84
N VAL B 306 15.79 21.57 -6.16
CA VAL B 306 16.89 22.46 -6.57
C VAL B 306 18.26 21.78 -6.52
N THR B 307 18.28 20.49 -6.83
CA THR B 307 19.47 19.66 -6.75
C THR B 307 19.70 19.06 -8.12
N GLY B 308 20.89 18.57 -8.41
CA GLY B 308 21.13 18.12 -9.77
C GLY B 308 21.14 19.32 -10.70
N SER B 309 20.87 19.11 -11.97
CA SER B 309 21.01 20.19 -12.95
C SER B 309 20.14 21.39 -12.57
N MET B 310 19.05 21.11 -11.89
CA MET B 310 18.12 22.14 -11.40
C MET B 310 18.73 23.19 -10.44
N GLY B 311 19.94 22.97 -9.94
CA GLY B 311 20.57 23.93 -9.05
C GLY B 311 20.80 25.26 -9.77
N GLN B 312 20.61 25.27 -11.08
CA GLN B 312 20.95 26.44 -11.82
C GLN B 312 19.93 27.51 -11.61
N TYR B 313 18.78 27.15 -11.06
CA TYR B 313 17.71 28.13 -10.86
C TYR B 313 17.73 28.73 -9.44
N VAL B 314 18.68 28.31 -8.60
CA VAL B 314 18.77 28.86 -7.28
C VAL B 314 18.94 30.39 -7.24
N PRO B 315 19.74 30.94 -8.15
CA PRO B 315 20.05 32.36 -7.98
C PRO B 315 18.85 33.16 -8.31
N MET B 316 18.15 32.67 -9.33
CA MET B 316 16.96 33.34 -9.84
C MET B 316 15.72 33.21 -8.94
N LEU B 317 15.55 32.08 -8.28
CA LEU B 317 14.45 31.95 -7.36
C LEU B 317 14.74 32.78 -6.11
N ASN B 318 16.02 32.92 -5.77
CA ASN B 318 16.38 33.74 -4.62
C ASN B 318 16.08 35.15 -4.90
N TYR B 319 16.42 35.56 -6.12
CA TYR B 319 16.07 36.88 -6.60
C TYR B 319 14.56 37.13 -6.44
N TYR B 320 13.71 36.26 -7.00
CA TYR B 320 12.30 36.58 -7.06
C TYR B 320 11.59 36.32 -5.73
N CYS B 321 12.21 35.52 -4.87
CA CYS B 321 11.50 35.00 -3.70
C CYS B 321 12.05 35.55 -2.43
N ASN B 322 13.09 36.36 -2.57
CA ASN B 322 13.72 37.00 -1.43
C ASN B 322 14.37 36.05 -0.43
N ASP B 323 15.16 35.12 -0.96
CA ASP B 323 15.88 34.16 -0.17
C ASP B 323 15.04 33.41 0.87
N LEU B 324 13.73 33.26 0.56
CA LEU B 324 12.87 32.27 1.22
C LEU B 324 13.51 30.89 1.07
N PRO B 325 13.42 30.03 2.09
CA PRO B 325 14.08 28.72 1.94
C PRO B 325 13.56 27.97 0.70
N LEU B 326 14.49 27.37 -0.05
CA LEU B 326 14.15 26.58 -1.22
C LEU B 326 14.34 25.13 -0.83
N VAL B 327 13.26 24.37 -0.81
CA VAL B 327 13.26 23.10 -0.09
C VAL B 327 13.13 21.98 -1.08
N SER B 328 14.13 21.10 -1.19
CA SER B 328 13.96 19.91 -2.03
C SER B 328 13.62 18.73 -1.16
N THR B 329 12.48 18.07 -1.40
CA THR B 329 12.06 17.03 -0.47
C THR B 329 12.29 15.57 -0.93
N THR B 330 12.30 15.31 -2.23
CA THR B 330 12.11 13.94 -2.68
C THR B 330 13.03 13.62 -3.83
N TYR B 331 13.57 12.41 -3.85
CA TYR B 331 14.22 11.88 -5.04
C TYR B 331 13.43 10.62 -5.53
N GLY B 332 13.09 10.63 -6.80
CA GLY B 332 12.31 9.58 -7.37
C GLY B 332 12.22 9.59 -8.88
N SER B 333 11.77 8.44 -9.39
CA SER B 333 11.74 8.19 -10.83
C SER B 333 10.66 7.20 -11.17
N SER B 334 10.57 6.91 -12.46
CA SER B 334 9.57 5.99 -12.96
CA SER B 334 9.57 5.98 -12.97
C SER B 334 9.75 4.62 -12.33
N GLU B 335 10.99 4.11 -12.31
CA GLU B 335 11.32 2.85 -11.62
C GLU B 335 10.82 2.83 -10.16
N THR B 336 11.01 3.97 -9.48
CA THR B 336 10.69 4.01 -8.08
C THR B 336 10.89 5.37 -7.43
N THR B 337 10.11 5.66 -6.40
CA THR B 337 10.54 6.71 -5.51
C THR B 337 11.72 6.20 -4.66
N PHE B 338 12.79 6.99 -4.49
CA PHE B 338 13.92 6.57 -3.62
C PHE B 338 13.79 6.98 -2.17
N GLY B 339 13.76 8.28 -1.90
CA GLY B 339 13.63 8.74 -0.54
C GLY B 339 13.41 10.25 -0.45
N ILE B 340 13.71 10.78 0.73
CA ILE B 340 13.50 12.20 1.05
C ILE B 340 14.63 12.90 1.79
N ASN B 341 14.55 14.23 1.78
CA ASN B 341 15.44 15.09 2.51
C ASN B 341 14.91 15.29 3.92
N LEU B 342 15.67 14.82 4.92
CA LEU B 342 15.28 14.88 6.33
C LEU B 342 15.77 16.14 7.05
N ASP B 343 16.28 17.07 6.28
CA ASP B 343 16.76 18.33 6.78
C ASP B 343 16.40 19.35 5.70
N PRO B 344 15.08 19.63 5.55
CA PRO B 344 14.51 20.46 4.47
C PRO B 344 15.15 21.82 4.26
N LEU B 345 15.42 22.57 5.32
CA LEU B 345 15.93 23.94 5.21
C LEU B 345 17.46 24.03 5.22
N CYS B 346 18.12 23.02 4.67
CA CYS B 346 19.56 23.10 4.44
C CYS B 346 19.83 23.74 3.08
N LYS B 347 21.08 24.13 2.79
CA LYS B 347 21.41 24.69 1.47
C LYS B 347 21.20 23.60 0.41
N PRO B 348 20.75 23.97 -0.82
CA PRO B 348 20.74 23.03 -1.96
C PRO B 348 22.01 22.23 -2.12
N GLU B 349 23.13 22.82 -1.77
CA GLU B 349 24.38 22.14 -1.97
C GLU B 349 24.61 21.05 -0.88
N ASP B 350 23.84 21.14 0.21
CA ASP B 350 23.96 20.25 1.36
C ASP B 350 22.84 19.25 1.49
N VAL B 351 22.09 19.02 0.43
CA VAL B 351 20.92 18.15 0.55
C VAL B 351 21.27 16.68 0.38
N SER B 352 20.77 15.86 1.29
CA SER B 352 20.91 14.41 1.16
C SER B 352 19.57 13.70 1.19
N TYR B 353 19.42 12.68 0.38
CA TYR B 353 18.18 11.90 0.37
C TYR B 353 18.47 10.61 1.16
N THR B 354 17.68 10.36 2.19
CA THR B 354 17.71 9.08 2.85
C THR B 354 16.72 8.19 2.11
N PHE B 355 17.26 7.19 1.43
CA PHE B 355 16.38 6.23 0.78
C PHE B 355 15.48 5.58 1.82
N MET B 356 14.27 5.21 1.41
CA MET B 356 13.36 4.48 2.28
C MET B 356 13.27 2.99 1.88
N PRO B 357 13.56 2.10 2.84
CA PRO B 357 13.76 0.69 2.56
C PRO B 357 12.47 -0.03 2.19
N ASN B 358 11.30 0.59 2.31
CA ASN B 358 10.05 -0.07 1.92
C ASN B 358 9.57 0.18 0.46
N MET B 359 10.22 1.10 -0.24
CA MET B 359 9.90 1.51 -1.61
C MET B 359 10.18 0.42 -2.61
N SER B 360 11.45 0.07 -2.80
CA SER B 360 11.88 -0.98 -3.69
C SER B 360 13.12 -1.61 -3.08
N TYR B 361 13.66 -2.63 -3.73
CA TYR B 361 14.88 -3.26 -3.26
C TYR B 361 16.02 -2.64 -4.03
N PHE B 362 16.93 -2.04 -3.25
CA PHE B 362 17.99 -1.20 -3.78
C PHE B 362 19.34 -1.93 -3.75
N GLU B 363 20.11 -1.76 -4.81
CA GLU B 363 21.48 -2.28 -4.89
C GLU B 363 22.34 -1.15 -5.52
N PHE B 364 23.65 -1.20 -5.33
CA PHE B 364 24.50 -0.14 -5.82
C PHE B 364 25.77 -0.69 -6.40
N ILE B 365 26.05 -0.25 -7.62
CA ILE B 365 27.29 -0.48 -8.35
C ILE B 365 28.33 0.66 -8.08
N PRO B 366 29.50 0.36 -7.47
CA PRO B 366 30.55 1.38 -7.23
C PRO B 366 31.08 2.09 -8.49
N MET B 367 31.21 3.42 -8.38
CA MET B 367 31.75 4.26 -9.45
C MET B 367 33.09 4.87 -9.02
N ASP B 368 33.69 4.34 -7.97
CA ASP B 368 35.06 4.69 -7.71
C ASP B 368 35.79 3.48 -7.13
N GLY B 369 37.07 3.67 -6.79
CA GLY B 369 37.88 2.63 -6.20
C GLY B 369 37.66 2.57 -4.71
N GLY B 370 36.79 3.43 -4.21
CA GLY B 370 36.40 3.38 -2.81
C GLY B 370 35.64 2.12 -2.46
N ASP B 371 35.00 1.51 -3.45
CA ASP B 371 34.31 0.21 -3.27
C ASP B 371 34.68 -0.73 -4.46
N LYS B 372 35.29 -1.85 -4.14
CA LYS B 372 35.77 -2.75 -5.17
C LYS B 372 34.87 -3.94 -5.36
N ASN B 373 33.74 -3.98 -4.66
CA ASN B 373 32.74 -5.03 -4.88
C ASN B 373 32.07 -4.76 -6.20
N ASP B 374 31.47 -5.79 -6.77
CA ASP B 374 30.80 -5.66 -8.07
C ASP B 374 29.47 -4.97 -7.87
N VAL B 375 28.85 -5.16 -6.71
CA VAL B 375 27.58 -4.52 -6.48
C VAL B 375 27.24 -4.77 -5.03
N VAL B 376 26.65 -3.80 -4.37
CA VAL B 376 26.35 -3.95 -2.95
C VAL B 376 24.90 -3.60 -2.59
N ASP B 377 24.48 -4.10 -1.43
CA ASP B 377 23.18 -3.80 -0.87
C ASP B 377 23.13 -2.44 -0.21
N LEU B 378 21.90 -1.98 0.06
CA LEU B 378 21.63 -0.70 0.68
C LEU B 378 22.37 -0.52 2.00
N GLU B 379 22.44 -1.58 2.80
CA GLU B 379 23.07 -1.55 4.14
C GLU B 379 24.58 -1.73 4.12
N ASP B 380 25.15 -2.08 2.98
CA ASP B 380 26.59 -2.26 2.89
C ASP B 380 27.32 -1.10 2.15
N VAL B 381 26.60 -0.13 1.60
CA VAL B 381 27.28 0.99 0.92
C VAL B 381 28.20 1.73 1.88
N LYS B 382 29.27 2.27 1.32
CA LYS B 382 30.28 2.88 2.13
C LYS B 382 30.24 4.40 2.11
N LEU B 383 30.52 4.95 3.28
CA LEU B 383 30.67 6.38 3.48
C LEU B 383 31.80 6.89 2.59
N GLY B 384 31.47 7.87 1.77
CA GLY B 384 32.43 8.45 0.88
C GLY B 384 32.45 7.92 -0.52
N CYS B 385 31.63 6.94 -0.84
CA CYS B 385 31.69 6.35 -2.17
C CYS B 385 30.56 6.78 -3.10
N THR B 386 30.87 6.78 -4.39
CA THR B 386 29.90 7.09 -5.40
C THR B 386 29.41 5.78 -5.98
N TYR B 387 28.13 5.78 -6.37
CA TYR B 387 27.47 4.55 -6.72
C TYR B 387 26.41 4.80 -7.74
N GLU B 388 26.09 3.81 -8.58
CA GLU B 388 24.90 3.90 -9.44
C GLU B 388 23.83 2.97 -8.86
N PRO B 389 22.66 3.53 -8.49
CA PRO B 389 21.66 2.67 -7.88
C PRO B 389 21.04 1.68 -8.87
N VAL B 390 20.58 0.57 -8.31
CA VAL B 390 19.94 -0.49 -9.07
C VAL B 390 18.64 -0.93 -8.35
N VAL B 391 17.56 -0.99 -9.12
CA VAL B 391 16.21 -1.03 -8.56
C VAL B 391 15.49 -2.30 -8.86
N THR B 392 14.94 -2.94 -7.85
CA THR B 392 13.99 -4.04 -8.10
C THR B 392 12.63 -3.65 -7.55
N ASN B 393 11.60 -3.65 -8.41
CA ASN B 393 10.30 -3.16 -7.97
C ASN B 393 9.13 -4.13 -8.05
N PHE B 394 7.95 -3.58 -7.78
CA PHE B 394 6.72 -4.35 -7.79
C PHE B 394 5.99 -4.36 -9.12
N ALA B 395 6.65 -4.01 -10.22
CA ALA B 395 5.95 -3.94 -11.47
C ALA B 395 6.71 -4.50 -12.66
N GLY B 396 7.59 -5.46 -12.43
CA GLY B 396 8.25 -6.13 -13.54
C GLY B 396 9.69 -5.73 -13.79
N LEU B 397 10.23 -4.80 -12.99
CA LEU B 397 11.64 -4.33 -13.10
C LEU B 397 12.57 -5.04 -12.11
N TYR B 398 13.61 -5.64 -12.64
CA TYR B 398 14.51 -6.47 -11.84
C TYR B 398 15.97 -6.09 -12.09
N ARG B 399 16.66 -5.76 -10.98
CA ARG B 399 18.06 -5.34 -10.98
C ARG B 399 18.35 -4.34 -12.10
N MET B 400 17.53 -3.30 -12.22
CA MET B 400 17.75 -2.31 -13.26
C MET B 400 18.49 -1.05 -12.83
N ARG B 401 19.50 -0.71 -13.65
CA ARG B 401 20.29 0.50 -13.53
C ARG B 401 19.58 1.79 -13.83
N VAL B 402 19.67 2.69 -12.87
CA VAL B 402 18.86 3.89 -12.79
C VAL B 402 19.43 4.98 -13.67
N GLY B 403 20.72 4.90 -13.97
CA GLY B 403 21.41 5.96 -14.69
C GLY B 403 21.66 7.26 -13.92
N ASP B 404 21.85 7.20 -12.59
CA ASP B 404 22.19 8.37 -11.75
C ASP B 404 23.35 7.93 -10.88
N ILE B 405 24.13 8.89 -10.39
CA ILE B 405 25.28 8.62 -9.51
C ILE B 405 25.04 9.31 -8.20
N VAL B 406 25.14 8.57 -7.11
CA VAL B 406 24.91 9.11 -5.79
C VAL B 406 26.14 8.99 -4.90
N LEU B 407 26.25 9.87 -3.92
CA LEU B 407 27.37 9.91 -2.97
C LEU B 407 26.86 9.66 -1.58
N VAL B 408 27.44 8.68 -0.88
CA VAL B 408 27.09 8.43 0.52
C VAL B 408 27.75 9.47 1.44
N THR B 409 26.93 10.17 2.20
CA THR B 409 27.34 11.33 2.99
C THR B 409 27.11 11.17 4.47
N GLY B 410 26.45 10.08 4.85
CA GLY B 410 26.01 9.87 6.21
C GLY B 410 25.01 8.73 6.35
N PHE B 411 24.55 8.52 7.58
CA PHE B 411 23.57 7.46 7.90
C PHE B 411 22.57 7.93 8.88
N TYR B 412 21.29 7.69 8.62
CA TYR B 412 20.27 7.91 9.66
C TYR B 412 19.99 6.57 10.27
N ASN B 413 20.41 6.40 11.51
CA ASN B 413 20.43 5.07 12.11
C ASN B 413 21.21 4.06 11.27
N ASN B 414 20.50 3.18 10.57
CA ASN B 414 21.07 2.20 9.62
C ASN B 414 20.67 2.53 8.21
N ALA B 415 20.00 3.66 8.03
CA ALA B 415 19.67 4.13 6.69
C ALA B 415 20.71 5.14 6.07
N PRO B 416 21.36 4.77 4.93
CA PRO B 416 22.23 5.77 4.30
C PRO B 416 21.52 6.99 3.77
N GLN B 417 22.23 8.11 3.78
CA GLN B 417 21.76 9.27 3.10
C GLN B 417 22.71 9.58 1.99
N PHE B 418 22.14 9.87 0.82
CA PHE B 418 22.89 10.04 -0.44
C PHE B 418 22.87 11.48 -0.97
N LYS B 419 24.00 11.93 -1.50
CA LYS B 419 23.99 13.17 -2.25
C LYS B 419 23.79 12.91 -3.73
N PHE B 420 22.81 13.59 -4.29
CA PHE B 420 22.59 13.43 -5.69
C PHE B 420 23.77 14.12 -6.34
N VAL B 421 24.47 13.42 -7.22
CA VAL B 421 25.63 13.98 -7.87
C VAL B 421 25.28 14.36 -9.29
N ARG B 422 24.86 13.39 -10.07
CA ARG B 422 24.67 13.65 -11.48
C ARG B 422 23.84 12.60 -12.18
N ARG B 423 23.56 12.85 -13.45
CA ARG B 423 22.83 11.95 -14.30
C ARG B 423 23.82 11.57 -15.37
N GLU B 424 24.23 10.31 -15.41
CA GLU B 424 25.14 9.79 -16.42
C GLU B 424 24.55 9.79 -17.83
N ASN B 425 25.32 10.30 -18.79
CA ASN B 425 24.90 10.43 -20.17
C ASN B 425 23.96 11.62 -20.41
N VAL B 426 24.06 12.67 -19.59
CA VAL B 426 23.23 13.87 -19.76
C VAL B 426 24.08 15.12 -19.94
N VAL B 427 24.08 15.68 -21.16
CA VAL B 427 24.84 16.90 -21.43
C VAL B 427 24.06 18.15 -20.99
N LEU B 428 22.91 18.42 -21.62
CA LEU B 428 22.13 19.64 -21.36
C LEU B 428 20.71 19.38 -20.87
N SER B 429 20.24 20.23 -19.97
CA SER B 429 18.85 20.17 -19.49
C SER B 429 18.34 21.53 -19.02
N ILE B 430 17.40 22.09 -19.78
CA ILE B 430 16.71 23.28 -19.37
C ILE B 430 15.69 22.83 -18.35
N ASP B 431 15.05 21.70 -18.64
CA ASP B 431 13.80 21.33 -18.00
C ASP B 431 13.80 19.82 -17.66
N SER B 432 12.63 19.17 -17.73
CA SER B 432 12.50 17.75 -17.46
C SER B 432 13.15 16.88 -18.57
N ASP B 433 13.56 17.54 -19.66
CA ASP B 433 14.40 16.94 -20.70
C ASP B 433 15.76 16.42 -20.22
N LYS B 434 16.23 15.33 -20.84
CA LYS B 434 17.61 14.87 -20.66
C LYS B 434 18.21 14.59 -22.04
N THR B 435 19.21 15.41 -22.35
CA THR B 435 19.90 15.46 -23.63
C THR B 435 21.30 14.88 -23.39
N ASN B 436 21.75 14.04 -24.33
CA ASN B 436 22.99 13.26 -24.17
C ASN B 436 24.10 13.66 -25.17
N GLU B 437 25.34 13.21 -24.92
CA GLU B 437 26.46 13.51 -25.82
C GLU B 437 26.45 12.60 -27.07
N GLU B 438 25.39 11.80 -27.20
CA GLU B 438 25.10 11.02 -28.41
C GLU B 438 24.12 11.76 -29.36
N ASP B 439 23.11 12.43 -28.81
CA ASP B 439 22.16 13.22 -29.63
C ASP B 439 22.69 14.63 -29.98
N LEU B 440 23.85 14.97 -29.44
CA LEU B 440 24.64 16.13 -29.88
C LEU B 440 25.38 15.75 -31.16
N PHE B 441 26.04 14.59 -31.11
CA PHE B 441 26.64 13.94 -32.28
C PHE B 441 25.63 13.70 -33.40
N LYS B 442 24.40 13.35 -33.03
CA LYS B 442 23.31 13.19 -33.99
C LYS B 442 23.13 14.47 -34.82
N ALA B 443 23.18 15.61 -34.12
CA ALA B 443 22.82 16.91 -34.70
C ALA B 443 23.99 17.64 -35.40
N VAL B 444 25.19 17.46 -34.86
CA VAL B 444 26.41 18.09 -35.38
C VAL B 444 26.96 17.44 -36.66
N SER B 445 26.47 16.22 -36.97
CA SER B 445 26.80 15.55 -38.23
C SER B 445 25.54 15.13 -38.98
N GLN B 446 24.47 15.89 -38.77
CA GLN B 446 23.32 15.93 -39.69
C GLN B 446 23.42 17.31 -40.32
N ALA B 447 23.79 18.28 -39.46
CA ALA B 447 24.13 19.62 -39.88
C ALA B 447 25.60 19.71 -40.29
N LYS B 448 26.19 18.58 -40.70
CA LYS B 448 27.52 18.58 -41.32
C LYS B 448 27.30 18.61 -42.82
N LEU B 449 26.51 17.65 -43.32
CA LEU B 449 26.13 17.63 -44.74
C LEU B 449 25.07 18.69 -45.07
N VAL B 450 24.85 19.60 -44.11
CA VAL B 450 24.05 20.82 -44.34
C VAL B 450 24.91 21.90 -45.01
N LEU B 451 26.17 22.03 -44.57
CA LEU B 451 27.15 22.93 -45.21
C LEU B 451 27.87 22.28 -46.43
N GLU B 452 28.08 20.96 -46.39
CA GLU B 452 28.67 20.22 -47.52
C GLU B 452 27.73 20.27 -48.74
N SER B 453 26.50 20.73 -48.52
CA SER B 453 25.54 21.08 -49.58
C SER B 453 25.67 22.57 -49.93
N SER B 454 26.77 23.19 -49.47
CA SER B 454 27.06 24.60 -49.75
C SER B 454 28.56 24.88 -49.65
N LYS B 459 34.05 22.11 -37.80
CA LYS B 459 35.35 21.57 -37.45
C LYS B 459 35.31 20.84 -36.10
N ASP B 460 34.61 21.43 -35.13
CA ASP B 460 34.47 20.86 -33.80
C ASP B 460 33.16 21.32 -33.16
N PHE B 461 32.67 20.55 -32.18
CA PHE B 461 31.37 20.83 -31.56
C PHE B 461 31.43 20.82 -30.03
N THR B 462 30.58 21.64 -29.42
CA THR B 462 30.42 21.71 -27.98
C THR B 462 29.21 22.59 -27.62
N SER B 463 28.84 22.63 -26.33
CA SER B 463 27.54 23.20 -25.92
C SER B 463 27.38 23.56 -24.43
N TYR B 464 26.46 24.49 -24.15
CA TYR B 464 26.16 24.95 -22.77
C TYR B 464 24.67 25.25 -22.59
N ALA B 465 24.18 25.19 -21.36
CA ALA B 465 22.77 25.44 -21.09
C ALA B 465 22.58 26.85 -20.53
N ASP B 466 22.05 27.74 -21.38
CA ASP B 466 21.84 29.15 -21.04
C ASP B 466 20.64 29.30 -20.11
N THR B 467 20.90 29.73 -18.89
CA THR B 467 19.86 30.17 -17.98
C THR B 467 20.05 31.67 -17.74
N SER B 468 20.57 32.34 -18.77
CA SER B 468 20.79 33.79 -18.75
C SER B 468 19.51 34.48 -18.31
N THR B 469 18.42 34.13 -19.00
CA THR B 469 17.13 34.74 -18.79
C THR B 469 16.13 33.80 -19.40
N PHE B 470 14.90 34.27 -19.57
CA PHE B 470 13.84 33.44 -20.11
C PHE B 470 13.51 33.70 -21.59
N PRO B 471 13.38 32.63 -22.41
CA PRO B 471 13.63 31.24 -22.00
C PRO B 471 15.12 30.88 -22.05
N GLY B 472 15.43 29.70 -21.50
CA GLY B 472 16.78 29.17 -21.48
C GLY B 472 16.92 28.06 -22.49
N HIS B 473 18.14 27.70 -22.84
CA HIS B 473 18.35 26.80 -23.96
C HIS B 473 19.80 26.30 -24.02
N TYR B 474 20.11 25.56 -25.08
CA TYR B 474 21.47 25.11 -25.33
C TYR B 474 22.19 26.23 -26.05
N VAL B 475 23.45 25.98 -26.38
CA VAL B 475 24.19 26.84 -27.28
C VAL B 475 25.09 25.92 -28.12
N VAL B 476 25.76 26.49 -29.13
CA VAL B 476 26.77 25.76 -29.91
C VAL B 476 27.95 26.68 -30.29
N TYR B 477 29.16 26.12 -30.33
CA TYR B 477 30.37 26.87 -30.70
C TYR B 477 31.08 26.17 -31.88
N LEU B 478 30.44 26.20 -33.04
CA LEU B 478 30.91 25.48 -34.24
C LEU B 478 32.05 26.22 -34.97
N GLU B 479 32.64 25.56 -35.97
CA GLU B 479 33.79 26.09 -36.71
C GLU B 479 33.82 25.53 -38.14
N GLN B 492 32.78 37.30 -49.51
CA GLN B 492 32.79 36.46 -48.31
C GLN B 492 32.69 37.30 -47.04
N PHE B 493 31.96 38.42 -47.13
CA PHE B 493 31.82 39.38 -46.01
C PHE B 493 31.14 38.82 -44.74
N GLU B 494 30.05 38.08 -44.92
CA GLU B 494 29.27 37.53 -43.80
C GLU B 494 29.01 36.05 -44.07
N LEU B 495 28.49 35.33 -43.09
CA LEU B 495 28.10 33.93 -43.29
C LEU B 495 26.69 33.85 -43.91
N ASP B 496 26.36 32.70 -44.51
CA ASP B 496 24.99 32.42 -44.95
C ASP B 496 24.09 32.43 -43.70
N GLU B 497 22.96 33.14 -43.76
CA GLU B 497 22.05 33.17 -42.61
C GLU B 497 20.88 32.17 -42.76
N GLU B 498 20.57 31.79 -44.00
CA GLU B 498 19.56 30.76 -44.25
C GLU B 498 20.15 29.37 -44.07
N ALA B 499 21.46 29.31 -43.83
CA ALA B 499 22.18 28.05 -43.60
C ALA B 499 22.31 27.75 -42.10
N LEU B 500 22.95 28.68 -41.37
CA LEU B 500 23.23 28.47 -39.94
C LEU B 500 21.99 28.53 -39.04
N SER B 501 20.93 29.17 -39.50
CA SER B 501 19.67 29.23 -38.75
C SER B 501 18.72 28.06 -39.09
N THR B 502 19.23 27.07 -39.82
CA THR B 502 18.55 25.79 -40.07
C THR B 502 19.30 24.64 -39.38
N CYS B 503 20.63 24.76 -39.27
CA CYS B 503 21.41 23.88 -38.40
C CYS B 503 20.88 23.98 -36.98
N CYS B 504 20.20 25.09 -36.67
CA CYS B 504 19.40 25.22 -35.45
C CYS B 504 18.37 24.11 -35.34
N LEU B 505 17.64 23.90 -36.42
CA LEU B 505 16.50 22.98 -36.45
C LEU B 505 16.83 21.59 -36.96
N VAL B 506 17.93 21.47 -37.71
CA VAL B 506 18.56 20.17 -37.92
C VAL B 506 19.04 19.64 -36.55
N MET B 507 19.24 20.56 -35.60
CA MET B 507 19.55 20.21 -34.20
C MET B 507 18.32 20.16 -33.27
N GLU B 508 17.18 20.73 -33.68
CA GLU B 508 15.94 20.61 -32.92
C GLU B 508 15.25 19.28 -33.22
N GLU B 509 14.97 19.05 -34.51
CA GLU B 509 14.37 17.81 -35.03
C GLU B 509 14.99 16.56 -34.40
N SER B 510 16.30 16.63 -34.19
CA SER B 510 17.12 15.52 -33.74
C SER B 510 16.76 15.02 -32.34
N LEU B 511 16.26 15.92 -31.51
CA LEU B 511 16.07 15.61 -30.11
C LEU B 511 14.76 14.89 -29.83
N ASP B 512 14.77 14.14 -28.72
CA ASP B 512 13.62 13.38 -28.26
C ASP B 512 12.34 14.24 -28.21
N ASN B 513 11.18 13.58 -28.19
CA ASN B 513 9.88 14.26 -28.13
C ASN B 513 9.84 15.20 -26.93
N VAL B 514 10.52 14.80 -25.87
CA VAL B 514 10.70 15.58 -24.64
C VAL B 514 11.19 17.02 -24.89
N TYR B 515 12.24 17.16 -25.68
CA TYR B 515 12.78 18.47 -25.95
C TYR B 515 11.73 19.33 -26.62
N LYS B 516 11.01 18.75 -27.58
CA LYS B 516 10.09 19.50 -28.42
C LYS B 516 8.77 19.92 -27.74
N ARG B 517 8.24 19.09 -26.85
CA ARG B 517 7.07 19.46 -26.04
C ARG B 517 7.36 20.71 -25.24
N CYS B 518 8.50 20.69 -24.55
CA CYS B 518 8.87 21.71 -23.59
C CYS B 518 9.35 22.91 -24.36
N ARG B 519 9.93 22.64 -25.50
CA ARG B 519 10.35 23.66 -26.38
C ARG B 519 9.22 24.48 -27.02
N PHE B 520 8.34 23.74 -27.66
CA PHE B 520 7.35 24.30 -28.58
C PHE B 520 5.98 24.38 -27.91
N LYS B 521 5.63 23.34 -27.15
CA LYS B 521 4.31 23.23 -26.54
C LYS B 521 4.20 23.96 -25.20
N ASP B 522 5.29 24.59 -24.77
CA ASP B 522 5.32 25.27 -23.47
C ASP B 522 5.92 26.67 -23.58
N GLY B 523 7.02 26.80 -24.32
CA GLY B 523 7.74 28.06 -24.40
C GLY B 523 8.86 28.17 -23.36
N SER B 524 9.12 27.06 -22.66
CA SER B 524 10.18 27.02 -21.64
C SER B 524 11.57 26.96 -22.29
N ILE B 525 11.60 26.91 -23.62
CA ILE B 525 12.85 26.95 -24.38
C ILE B 525 12.64 27.88 -25.66
N GLY B 526 13.63 28.74 -25.94
CA GLY B 526 13.68 29.63 -27.12
C GLY B 526 14.89 29.45 -28.02
N PRO B 527 14.73 29.62 -29.35
CA PRO B 527 15.42 28.96 -30.46
C PRO B 527 16.93 28.76 -30.48
N LEU B 528 17.45 27.59 -30.88
CA LEU B 528 18.86 27.22 -30.61
C LEU B 528 19.84 28.31 -31.08
N GLU B 529 20.64 28.75 -30.14
CA GLU B 529 21.76 29.65 -30.39
C GLU B 529 23.02 28.95 -30.94
N ILE B 530 23.31 29.08 -32.24
CA ILE B 530 24.62 28.66 -32.78
C ILE B 530 25.61 29.83 -32.78
N ARG B 531 26.69 29.70 -32.00
CA ARG B 531 27.78 30.67 -32.02
C ARG B 531 28.90 30.10 -32.91
N VAL B 532 29.59 30.95 -33.67
CA VAL B 532 30.71 30.50 -34.50
C VAL B 532 32.01 31.13 -34.03
N VAL B 533 33.00 30.28 -33.76
CA VAL B 533 34.26 30.71 -33.18
C VAL B 533 35.35 30.74 -34.26
N ARG B 534 36.53 31.26 -33.92
CA ARG B 534 37.61 31.50 -34.88
C ARG B 534 38.13 30.23 -35.57
N GLN B 535 39.07 30.38 -36.51
CA GLN B 535 39.68 29.25 -37.20
C GLN B 535 40.69 28.55 -36.31
N GLY B 536 41.08 29.23 -35.24
CA GLY B 536 41.93 28.66 -34.19
C GLY B 536 41.31 28.85 -32.81
N THR B 537 40.09 28.36 -32.64
CA THR B 537 39.38 28.41 -31.35
C THR B 537 39.64 27.16 -30.51
N PHE B 538 39.76 26.01 -31.17
CA PHE B 538 40.06 24.74 -30.48
C PHE B 538 41.54 24.32 -30.49
N ASP B 539 42.36 24.91 -31.37
CA ASP B 539 43.82 24.76 -31.22
C ASP B 539 44.25 25.44 -29.90
N SER B 540 43.41 26.38 -29.44
CA SER B 540 43.53 27.05 -28.14
C SER B 540 42.46 26.56 -27.14
N LEU B 541 41.52 25.73 -27.60
CA LEU B 541 40.55 25.02 -26.73
C LEU B 541 40.84 23.49 -26.72
N MET B 542 42.00 23.10 -27.26
CA MET B 542 42.68 21.83 -26.97
C MET B 542 43.97 22.14 -26.18
N ASP B 543 44.48 23.37 -26.38
CA ASP B 543 45.41 24.01 -25.44
C ASP B 543 44.90 23.94 -24.02
N PHE B 544 43.57 24.07 -23.88
CA PHE B 544 42.91 24.04 -22.58
C PHE B 544 43.08 22.69 -21.83
N PHE B 545 42.90 21.58 -22.55
CA PHE B 545 43.06 20.22 -21.98
C PHE B 545 44.48 19.99 -21.44
N ILE B 546 45.48 20.32 -22.26
CA ILE B 546 46.90 20.17 -21.93
C ILE B 546 47.31 21.01 -20.72
N SER B 547 46.66 22.17 -20.59
CA SER B 547 46.94 23.10 -19.49
C SER B 547 46.19 22.62 -18.24
N THR B 552 49.96 16.28 -20.89
CA THR B 552 50.91 15.24 -21.28
C THR B 552 50.57 14.59 -22.63
N GLY B 553 49.36 14.02 -22.73
CA GLY B 553 48.92 13.35 -23.94
C GLY B 553 47.78 12.37 -23.68
N GLN B 554 47.27 11.74 -24.75
CA GLN B 554 46.12 10.83 -24.66
C GLN B 554 44.87 11.53 -24.08
N TYR B 555 44.41 12.57 -24.78
CA TYR B 555 43.28 13.39 -24.34
C TYR B 555 42.35 13.70 -25.50
N LYS B 556 41.10 14.01 -25.15
CA LYS B 556 40.08 14.29 -26.13
C LYS B 556 39.47 15.67 -25.88
N THR B 557 38.45 16.00 -26.66
CA THR B 557 37.72 17.25 -26.52
C THR B 557 36.42 17.03 -25.74
N PRO B 558 36.31 17.65 -24.55
CA PRO B 558 35.12 17.59 -23.70
C PRO B 558 33.92 18.28 -24.35
N ARG B 559 32.78 17.59 -24.45
CA ARG B 559 31.59 18.13 -25.10
C ARG B 559 30.44 18.37 -24.10
N CYS B 560 30.78 18.56 -22.82
CA CYS B 560 29.84 18.93 -21.76
C CYS B 560 30.51 19.82 -20.70
N ILE B 561 29.95 21.00 -20.44
CA ILE B 561 30.60 21.97 -19.56
C ILE B 561 29.62 22.89 -18.83
N LYS B 562 30.05 23.32 -17.64
CA LYS B 562 29.22 24.15 -16.77
C LYS B 562 30.09 25.05 -15.90
N SER B 563 31.36 25.19 -16.29
CA SER B 563 32.31 25.95 -15.51
C SER B 563 32.08 27.45 -15.78
N GLY B 564 32.31 28.29 -14.78
CA GLY B 564 32.28 29.74 -14.96
C GLY B 564 33.65 30.35 -15.26
N LYS B 565 34.53 29.57 -15.90
CA LYS B 565 35.89 30.00 -16.28
C LYS B 565 36.24 29.66 -17.75
N ALA B 566 35.93 28.44 -18.18
CA ALA B 566 36.15 28.01 -19.56
C ALA B 566 35.25 28.76 -20.53
N LEU B 567 34.02 29.06 -20.07
CA LEU B 567 33.01 29.73 -20.89
C LEU B 567 33.54 30.97 -21.59
N GLN B 568 34.15 31.87 -20.83
CA GLN B 568 34.56 33.16 -21.36
C GLN B 568 35.54 33.03 -22.54
N VAL B 569 36.48 32.09 -22.47
CA VAL B 569 37.47 31.89 -23.54
C VAL B 569 36.81 31.26 -24.79
N LEU B 570 35.82 30.40 -24.58
CA LEU B 570 35.16 29.70 -25.68
C LEU B 570 33.93 30.48 -26.16
N GLU B 571 33.34 31.27 -25.25
CA GLU B 571 32.13 32.05 -25.53
C GLU B 571 32.43 33.39 -26.20
N THR B 572 33.44 34.10 -25.66
CA THR B 572 33.76 35.46 -26.13
C THR B 572 34.62 35.46 -27.42
N CYS B 573 34.84 34.30 -28.00
CA CYS B 573 35.58 34.23 -29.27
C CYS B 573 34.68 34.53 -30.47
N VAL B 574 33.40 34.16 -30.36
CA VAL B 574 32.50 34.16 -31.51
C VAL B 574 32.16 35.57 -32.01
N VAL B 575 32.54 35.88 -33.24
CA VAL B 575 32.28 37.19 -33.83
C VAL B 575 30.80 37.39 -34.15
N ALA B 576 30.06 36.28 -34.21
CA ALA B 576 28.65 36.31 -34.54
C ALA B 576 27.81 35.47 -33.57
N LYS B 577 26.54 35.84 -33.49
CA LYS B 577 25.54 35.12 -32.72
C LYS B 577 24.32 34.91 -33.62
N PHE B 578 23.73 33.71 -33.53
CA PHE B 578 22.59 33.31 -34.35
C PHE B 578 21.56 32.54 -33.52
N PHE B 579 20.26 32.70 -33.82
CA PHE B 579 19.22 31.83 -33.29
C PHE B 579 18.53 31.20 -34.49
N SER B 580 17.34 30.62 -34.30
CA SER B 580 16.56 30.10 -35.42
C SER B 580 15.78 31.23 -36.09
#